data_1V6A
#
_entry.id   1V6A
#
_cell.length_a   156.200
_cell.length_b   156.200
_cell.length_c   84.300
_cell.angle_alpha   90.00
_cell.angle_beta   90.00
_cell.angle_gamma   90.00
#
_symmetry.space_group_name_H-M   'P 41 21 2'
#
loop_
_entity.id
_entity.type
_entity.pdbx_description
1 polymer 'L-lactate dehydrogenase A chain'
2 branched alpha-D-glucopyranose-(1-1)-alpha-D-glucopyranose
3 water water
#
_entity_poly.entity_id   1
_entity_poly.type   'polypeptide(L)'
_entity_poly.pdbx_seq_one_letter_code
;ASTKEKLITHVSKEEPAGPTNKVTVVGVGMVGMAAAISILLKDLTDELALVDVMEDKLKGEAMDLQHGSLFLKTHKIVAD
KDYSVTANSKVVVVTAGARQQEGESRLNLVQRNVNIFKFIIPNIIKYSPNCILLVVSNPVDILTYVAWKLSGLPRNRVIG
SGTNLDSARFRHLMGEKLGIHPSNCHGWVIGEHGDSSVPVWSGVNVAGVFLQGLNPDMGTDKDKEDWKSVHKMVVDSAYE
VIKLKGYTSWAIGMSAADLCQSILKNLRKCHPVSTLVKGMHGVNEEVFLSVPCILGNSGLTDVVHMTLKSDEEKQLVKSA
ETLWGVQKDLTL
;
_entity_poly.pdbx_strand_id   A,B
#
loop_
_chem_comp.id
_chem_comp.type
_chem_comp.name
_chem_comp.formula
GLC D-saccharide, alpha linking alpha-D-glucopyranose 'C6 H12 O6'
#
# COMPACT_ATOMS: atom_id res chain seq x y z
N ALA A 1 -22.05 2.34 48.15
CA ALA A 1 -23.52 2.17 47.95
C ALA A 1 -23.85 2.08 46.46
N SER A 2 -23.23 2.94 45.67
CA SER A 2 -23.45 2.97 44.23
C SER A 2 -23.27 1.59 43.55
N THR A 3 -23.98 1.36 42.45
CA THR A 3 -23.86 0.10 41.74
C THR A 3 -22.46 0.08 41.10
N LYS A 4 -22.04 1.24 40.58
CA LYS A 4 -20.73 1.36 39.97
C LYS A 4 -19.64 1.07 40.99
N GLU A 5 -19.75 1.66 42.17
CA GLU A 5 -18.79 1.49 43.26
C GLU A 5 -18.65 0.04 43.71
N LYS A 6 -19.75 -0.70 43.74
CA LYS A 6 -19.73 -2.09 44.16
C LYS A 6 -19.13 -2.99 43.07
N LEU A 7 -19.28 -2.56 41.83
CA LEU A 7 -18.82 -3.34 40.69
C LEU A 7 -17.38 -3.07 40.27
N ILE A 8 -17.02 -1.79 40.18
CA ILE A 8 -15.69 -1.40 39.75
C ILE A 8 -14.93 -0.61 40.78
N THR A 9 -13.69 -1.02 41.03
CA THR A 9 -12.86 -0.31 41.98
C THR A 9 -11.61 0.23 41.31
N HIS A 10 -11.40 1.54 41.41
CA HIS A 10 -10.23 2.15 40.81
C HIS A 10 -9.02 1.78 41.65
N VAL A 11 -8.01 1.20 41.02
CA VAL A 11 -6.82 0.78 41.75
C VAL A 11 -5.52 1.49 41.38
N SER A 12 -5.58 2.53 40.56
CA SER A 12 -4.34 3.22 40.21
C SER A 12 -4.07 4.42 41.10
N LYS A 13 -2.80 4.66 41.39
CA LYS A 13 -2.42 5.80 42.22
C LYS A 13 -1.93 6.92 41.29
N GLU A 14 -1.39 6.50 40.15
CA GLU A 14 -0.88 7.44 39.15
C GLU A 14 -1.99 8.17 38.40
N GLU A 15 -1.70 9.41 38.04
CA GLU A 15 -2.67 10.23 37.30
C GLU A 15 -2.70 9.63 35.90
N PRO A 16 -3.86 9.69 35.21
CA PRO A 16 -3.93 9.12 33.87
C PRO A 16 -2.92 9.73 32.88
N ALA A 17 -2.32 8.86 32.08
CA ALA A 17 -1.30 9.19 31.10
C ALA A 17 -1.67 10.16 29.97
N GLY A 18 -2.95 10.30 29.65
CA GLY A 18 -3.30 11.19 28.56
C GLY A 18 -3.21 10.45 27.24
N PRO A 19 -3.68 11.03 26.14
CA PRO A 19 -3.67 10.43 24.80
C PRO A 19 -2.29 10.39 24.15
N THR A 20 -2.05 9.39 23.32
CA THR A 20 -0.76 9.28 22.67
C THR A 20 -0.78 9.70 21.21
N ASN A 21 -1.93 9.56 20.55
CA ASN A 21 -2.05 9.95 19.15
C ASN A 21 -3.32 10.77 18.89
N LYS A 22 -3.56 11.77 19.71
CA LYS A 22 -4.74 12.61 19.54
C LYS A 22 -4.77 13.39 18.22
N VAL A 23 -5.94 13.42 17.60
CA VAL A 23 -6.16 14.14 16.35
C VAL A 23 -7.33 15.13 16.50
N THR A 24 -7.14 16.35 16.00
CA THR A 24 -8.17 17.38 16.04
C THR A 24 -8.56 17.75 14.61
N VAL A 25 -9.84 17.95 14.38
CA VAL A 25 -10.31 18.36 13.07
C VAL A 25 -11.04 19.68 13.27
N VAL A 26 -10.55 20.72 12.62
CA VAL A 26 -11.15 22.03 12.70
C VAL A 26 -12.12 22.21 11.55
N GLY A 27 -13.40 22.36 11.88
CA GLY A 27 -14.41 22.52 10.86
C GLY A 27 -15.15 21.20 10.70
N VAL A 28 -16.46 21.22 10.89
CA VAL A 28 -17.25 20.00 10.78
C VAL A 28 -18.20 20.01 9.59
N GLY A 29 -17.75 20.64 8.50
CA GLY A 29 -18.53 20.67 7.29
C GLY A 29 -18.38 19.29 6.68
N MET A 30 -18.75 19.11 5.42
CA MET A 30 -18.64 17.81 4.76
C MET A 30 -17.21 17.28 4.73
N VAL A 31 -16.26 18.15 4.43
CA VAL A 31 -14.85 17.78 4.36
C VAL A 31 -14.29 17.33 5.69
N GLY A 32 -14.57 18.10 6.74
CA GLY A 32 -14.09 17.79 8.06
C GLY A 32 -14.63 16.47 8.58
N MET A 33 -15.94 16.27 8.42
CA MET A 33 -16.56 15.04 8.88
C MET A 33 -16.08 13.82 8.11
N ALA A 34 -15.87 13.98 6.81
CA ALA A 34 -15.38 12.88 5.99
C ALA A 34 -13.98 12.49 6.49
N ALA A 35 -13.19 13.47 6.88
CA ALA A 35 -11.87 13.21 7.41
C ALA A 35 -12.01 12.52 8.76
N ALA A 36 -12.95 13.00 9.57
CA ALA A 36 -13.19 12.43 10.88
C ALA A 36 -13.64 10.97 10.82
N ILE A 37 -14.56 10.66 9.91
CA ILE A 37 -15.04 9.30 9.78
C ILE A 37 -13.97 8.38 9.22
N SER A 38 -13.06 8.93 8.40
CA SER A 38 -11.97 8.15 7.82
C SER A 38 -10.91 7.85 8.86
N ILE A 39 -10.65 8.80 9.75
CA ILE A 39 -9.66 8.60 10.78
C ILE A 39 -10.13 7.58 11.84
N LEU A 40 -11.41 7.63 12.18
CA LEU A 40 -11.98 6.72 13.16
C LEU A 40 -12.14 5.28 12.63
N LEU A 41 -12.65 5.15 11.41
CA LEU A 41 -12.84 3.83 10.84
C LEU A 41 -11.53 3.08 10.59
N LYS A 42 -10.42 3.83 10.46
CA LYS A 42 -9.13 3.22 10.24
C LYS A 42 -8.29 3.10 11.52
N ASP A 43 -8.95 3.22 12.68
CA ASP A 43 -8.31 3.10 13.99
C ASP A 43 -7.01 3.90 14.15
N LEU A 44 -6.96 5.10 13.59
CA LEU A 44 -5.75 5.89 13.68
C LEU A 44 -5.55 6.69 14.97
N THR A 45 -6.60 6.91 15.74
CA THR A 45 -6.42 7.70 16.95
C THR A 45 -7.15 7.22 18.19
N ASP A 46 -6.58 7.54 19.34
CA ASP A 46 -7.19 7.14 20.61
C ASP A 46 -8.07 8.25 21.20
N GLU A 47 -8.08 9.40 20.53
CA GLU A 47 -8.90 10.55 20.94
C GLU A 47 -9.08 11.53 19.78
N LEU A 48 -10.33 11.71 19.36
CA LEU A 48 -10.64 12.62 18.28
C LEU A 48 -11.39 13.84 18.84
N ALA A 49 -10.89 15.02 18.50
CA ALA A 49 -11.50 16.26 18.95
C ALA A 49 -12.00 17.04 17.73
N LEU A 50 -13.20 17.60 17.86
CA LEU A 50 -13.81 18.37 16.80
C LEU A 50 -14.05 19.77 17.34
N VAL A 51 -13.81 20.78 16.49
CA VAL A 51 -14.03 22.16 16.89
C VAL A 51 -14.59 22.92 15.70
N ASP A 52 -15.55 23.80 15.95
CA ASP A 52 -16.15 24.62 14.90
C ASP A 52 -16.76 25.85 15.58
N VAL A 53 -17.46 26.69 14.82
CA VAL A 53 -18.07 27.90 15.36
C VAL A 53 -19.54 27.78 15.69
N MET A 54 -20.19 26.70 15.25
CA MET A 54 -21.62 26.50 15.52
C MET A 54 -21.83 25.40 16.55
N GLU A 55 -22.33 25.78 17.70
CA GLU A 55 -22.59 24.90 18.83
C GLU A 55 -23.43 23.66 18.53
N ASP A 56 -24.61 23.83 17.95
CA ASP A 56 -25.50 22.70 17.69
C ASP A 56 -25.00 21.67 16.68
N LYS A 57 -24.48 22.15 15.56
CA LYS A 57 -23.97 21.24 14.54
C LYS A 57 -22.80 20.43 15.11
N LEU A 58 -21.89 21.14 15.76
CA LEU A 58 -20.72 20.52 16.37
C LEU A 58 -21.16 19.41 17.33
N LYS A 59 -22.07 19.76 18.23
CA LYS A 59 -22.60 18.82 19.22
C LYS A 59 -23.37 17.66 18.58
N GLY A 60 -24.02 17.92 17.44
CA GLY A 60 -24.78 16.88 16.77
C GLY A 60 -23.88 15.83 16.13
N GLU A 61 -22.82 16.30 15.47
CA GLU A 61 -21.86 15.42 14.80
C GLU A 61 -21.12 14.54 15.80
N ALA A 62 -20.72 15.13 16.93
CA ALA A 62 -20.01 14.39 17.96
C ALA A 62 -20.91 13.29 18.53
N MET A 63 -22.14 13.65 18.85
CA MET A 63 -23.12 12.70 19.40
C MET A 63 -23.35 11.53 18.43
N ASP A 64 -23.50 11.83 17.14
CA ASP A 64 -23.73 10.80 16.13
C ASP A 64 -22.56 9.80 16.13
N LEU A 65 -21.33 10.32 16.11
CA LEU A 65 -20.12 9.50 16.12
C LEU A 65 -19.98 8.70 17.41
N GLN A 66 -20.31 9.33 18.54
CA GLN A 66 -20.23 8.67 19.84
C GLN A 66 -21.19 7.49 19.93
N HIS A 67 -22.34 7.58 19.27
CA HIS A 67 -23.32 6.52 19.30
C HIS A 67 -22.79 5.28 18.59
N GLY A 68 -21.72 5.46 17.83
CA GLY A 68 -21.13 4.33 17.12
C GLY A 68 -19.91 3.75 17.79
N SER A 69 -19.65 4.17 19.03
CA SER A 69 -18.51 3.73 19.84
C SER A 69 -18.28 2.22 19.89
N LEU A 70 -19.35 1.45 19.96
CA LEU A 70 -19.26 -0.01 20.02
C LEU A 70 -18.47 -0.55 18.83
N PHE A 71 -18.62 0.11 17.68
CA PHE A 71 -17.94 -0.32 16.47
C PHE A 71 -16.57 0.33 16.25
N LEU A 72 -16.10 1.10 17.22
CA LEU A 72 -14.82 1.77 17.06
C LEU A 72 -13.78 1.37 18.09
N LYS A 73 -12.55 1.81 17.87
CA LYS A 73 -11.46 1.54 18.78
C LYS A 73 -10.82 2.85 19.18
N THR A 74 -11.66 3.85 19.39
CA THR A 74 -11.19 5.18 19.79
C THR A 74 -11.72 5.39 21.19
N HIS A 75 -10.81 5.65 22.14
CA HIS A 75 -11.22 5.86 23.53
C HIS A 75 -12.32 6.92 23.70
N LYS A 76 -12.14 8.10 23.11
CA LYS A 76 -13.18 9.14 23.25
C LYS A 76 -13.24 10.13 22.09
N ILE A 77 -14.42 10.70 21.90
CA ILE A 77 -14.64 11.69 20.88
C ILE A 77 -15.20 12.90 21.61
N VAL A 78 -14.51 14.02 21.52
CA VAL A 78 -14.94 15.24 22.20
C VAL A 78 -15.10 16.41 21.21
N ALA A 79 -15.98 17.35 21.54
CA ALA A 79 -16.22 18.49 20.66
C ALA A 79 -16.66 19.73 21.42
N ASP A 80 -16.09 20.87 21.04
CA ASP A 80 -16.45 22.14 21.68
C ASP A 80 -15.99 23.31 20.82
N LYS A 81 -16.56 24.48 21.08
CA LYS A 81 -16.20 25.69 20.36
C LYS A 81 -14.90 26.21 20.95
N ASP A 82 -14.64 25.84 22.20
CA ASP A 82 -13.45 26.26 22.92
C ASP A 82 -12.26 25.36 22.57
N TYR A 83 -11.18 25.95 22.06
CA TYR A 83 -10.01 25.17 21.66
C TYR A 83 -9.30 24.39 22.75
N SER A 84 -9.67 24.63 24.00
CA SER A 84 -9.03 23.89 25.08
C SER A 84 -9.34 22.40 24.94
N VAL A 85 -10.38 22.07 24.19
CA VAL A 85 -10.78 20.67 23.99
C VAL A 85 -9.81 19.95 23.07
N THR A 86 -8.99 20.70 22.35
CA THR A 86 -8.01 20.12 21.43
C THR A 86 -6.63 19.94 22.05
N ALA A 87 -6.50 20.15 23.35
CA ALA A 87 -5.19 20.04 24.01
C ALA A 87 -4.44 18.74 23.71
N ASN A 88 -3.14 18.89 23.52
CA ASN A 88 -2.21 17.79 23.25
C ASN A 88 -2.47 16.98 21.99
N SER A 89 -2.88 17.64 20.92
CA SER A 89 -3.11 16.95 19.66
C SER A 89 -1.75 16.71 18.99
N LYS A 90 -1.63 15.57 18.30
CA LYS A 90 -0.40 15.24 17.58
C LYS A 90 -0.55 15.82 16.18
N VAL A 91 -1.77 15.77 15.66
CA VAL A 91 -2.08 16.29 14.34
C VAL A 91 -3.37 17.08 14.39
N VAL A 92 -3.37 18.23 13.73
CA VAL A 92 -4.53 19.08 13.67
C VAL A 92 -4.84 19.35 12.22
N VAL A 93 -5.95 18.81 11.75
CA VAL A 93 -6.40 18.96 10.37
C VAL A 93 -7.27 20.22 10.29
N VAL A 94 -6.81 21.21 9.53
CA VAL A 94 -7.54 22.47 9.40
C VAL A 94 -8.30 22.54 8.09
N THR A 95 -9.63 22.56 8.16
CA THR A 95 -10.46 22.62 6.97
C THR A 95 -11.32 23.88 6.93
N ALA A 96 -11.30 24.66 8.01
CA ALA A 96 -12.10 25.87 8.09
C ALA A 96 -11.70 26.91 7.05
N GLY A 97 -12.68 27.60 6.50
CA GLY A 97 -12.40 28.60 5.48
C GLY A 97 -13.58 29.48 5.18
N ALA A 98 -13.38 30.45 4.29
CA ALA A 98 -14.43 31.39 3.92
C ALA A 98 -15.21 30.90 2.72
N ARG A 99 -16.54 30.98 2.77
CA ARG A 99 -17.36 30.56 1.64
C ARG A 99 -17.15 31.60 0.54
N GLN A 100 -16.95 31.14 -0.69
CA GLN A 100 -16.73 32.05 -1.81
C GLN A 100 -17.95 32.92 -2.11
N GLN A 101 -17.71 34.04 -2.81
CA GLN A 101 -18.76 34.97 -3.18
C GLN A 101 -18.58 35.46 -4.61
N GLU A 102 -19.63 35.33 -5.41
CA GLU A 102 -19.61 35.76 -6.81
C GLU A 102 -19.11 37.20 -6.90
N GLY A 103 -18.46 37.53 -8.02
CA GLY A 103 -17.96 38.88 -8.22
C GLY A 103 -16.84 39.31 -7.28
N GLU A 104 -16.25 38.34 -6.59
CA GLU A 104 -15.18 38.63 -5.64
C GLU A 104 -13.79 38.42 -6.23
N SER A 105 -12.84 39.25 -5.81
CA SER A 105 -11.47 39.15 -6.31
C SER A 105 -10.75 38.04 -5.55
N ARG A 106 -9.69 37.53 -6.16
CA ARG A 106 -8.92 36.45 -5.56
C ARG A 106 -8.28 36.94 -4.27
N LEU A 107 -7.91 38.21 -4.26
CA LEU A 107 -7.26 38.78 -3.07
C LEU A 107 -8.23 38.86 -1.92
N ASN A 108 -9.44 39.37 -2.17
CA ASN A 108 -10.40 39.46 -1.09
C ASN A 108 -10.60 38.07 -0.49
N LEU A 109 -10.91 37.08 -1.33
CA LEU A 109 -11.13 35.72 -0.84
C LEU A 109 -10.00 35.22 0.05
N VAL A 110 -8.75 35.33 -0.42
CA VAL A 110 -7.61 34.88 0.37
C VAL A 110 -7.48 35.64 1.70
N GLN A 111 -7.75 36.94 1.69
CA GLN A 111 -7.64 37.75 2.91
C GLN A 111 -8.68 37.32 3.93
N ARG A 112 -9.88 37.09 3.41
CA ARG A 112 -11.00 36.66 4.23
C ARG A 112 -10.54 35.40 4.98
N ASN A 113 -9.89 34.49 4.26
CA ASN A 113 -9.39 33.26 4.85
C ASN A 113 -8.30 33.56 5.89
N VAL A 114 -7.44 34.52 5.60
CA VAL A 114 -6.38 34.89 6.54
C VAL A 114 -7.01 35.42 7.83
N ASN A 115 -8.05 36.23 7.68
CA ASN A 115 -8.74 36.81 8.82
C ASN A 115 -9.23 35.69 9.73
N ILE A 116 -9.72 34.62 9.11
CA ILE A 116 -10.22 33.47 9.87
C ILE A 116 -9.05 32.79 10.58
N PHE A 117 -7.97 32.56 9.85
CA PHE A 117 -6.79 31.90 10.42
C PHE A 117 -6.13 32.65 11.57
N LYS A 118 -6.21 33.98 11.57
CA LYS A 118 -5.58 34.78 12.63
C LYS A 118 -6.21 34.48 13.98
N PHE A 119 -7.47 34.07 13.97
CA PHE A 119 -8.16 33.72 15.21
C PHE A 119 -7.88 32.25 15.54
N ILE A 120 -7.97 31.40 14.52
CA ILE A 120 -7.77 29.96 14.66
C ILE A 120 -6.36 29.42 14.96
N ILE A 121 -5.37 29.87 14.20
CA ILE A 121 -4.01 29.37 14.39
C ILE A 121 -3.44 29.58 15.79
N PRO A 122 -3.52 30.80 16.33
CA PRO A 122 -2.97 30.95 17.69
C PRO A 122 -3.71 30.14 18.76
N ASN A 123 -5.00 29.92 18.55
CA ASN A 123 -5.76 29.13 19.53
C ASN A 123 -5.26 27.67 19.55
N ILE A 124 -4.99 27.13 18.37
CA ILE A 124 -4.49 25.76 18.25
C ILE A 124 -3.14 25.62 18.94
N ILE A 125 -2.20 26.48 18.58
CA ILE A 125 -0.87 26.45 19.14
C ILE A 125 -0.87 26.66 20.66
N LYS A 126 -1.77 27.48 21.17
CA LYS A 126 -1.79 27.66 22.62
C LYS A 126 -2.01 26.34 23.39
N TYR A 127 -2.86 25.46 22.86
CA TYR A 127 -3.16 24.19 23.53
C TYR A 127 -2.36 22.99 23.03
N SER A 128 -1.80 23.07 21.83
CA SER A 128 -1.00 21.98 21.28
C SER A 128 0.25 22.56 20.61
N PRO A 129 1.17 23.12 21.42
CA PRO A 129 2.42 23.70 20.91
C PRO A 129 3.28 22.72 20.11
N ASN A 130 3.12 21.43 20.37
CA ASN A 130 3.92 20.43 19.67
C ASN A 130 3.17 19.64 18.59
N CYS A 131 2.10 20.21 18.06
CA CYS A 131 1.33 19.54 17.04
C CYS A 131 1.91 19.74 15.64
N ILE A 132 1.38 18.96 14.70
CA ILE A 132 1.75 19.06 13.31
C ILE A 132 0.46 19.56 12.65
N LEU A 133 0.54 20.72 12.00
CA LEU A 133 -0.61 21.30 11.34
C LEU A 133 -0.77 20.78 9.92
N LEU A 134 -1.95 20.23 9.63
CA LEU A 134 -2.24 19.74 8.29
C LEU A 134 -3.35 20.63 7.75
N VAL A 135 -2.97 21.52 6.84
CA VAL A 135 -3.90 22.46 6.23
C VAL A 135 -4.51 21.91 4.94
N VAL A 136 -5.84 21.86 4.90
CA VAL A 136 -6.57 21.35 3.75
C VAL A 136 -7.42 22.44 3.10
N SER A 137 -7.69 23.52 3.83
CA SER A 137 -8.50 24.63 3.31
C SER A 137 -7.90 25.21 2.02
N ASN A 138 -8.74 25.68 1.11
CA ASN A 138 -8.25 26.27 -0.15
C ASN A 138 -8.30 27.79 -0.15
N PRO A 139 -7.34 28.45 -0.82
CA PRO A 139 -6.22 27.88 -1.58
C PRO A 139 -5.13 27.34 -0.64
N VAL A 140 -4.99 26.02 -0.64
CA VAL A 140 -4.05 25.34 0.23
C VAL A 140 -2.59 25.82 0.22
N ASP A 141 -2.02 26.10 -0.94
CA ASP A 141 -0.62 26.54 -0.99
C ASP A 141 -0.39 27.87 -0.26
N ILE A 142 -1.23 28.85 -0.53
CA ILE A 142 -1.08 30.14 0.12
C ILE A 142 -1.49 30.06 1.59
N LEU A 143 -2.58 29.35 1.88
CA LEU A 143 -3.04 29.20 3.26
C LEU A 143 -2.09 28.41 4.16
N THR A 144 -1.31 27.50 3.58
CA THR A 144 -0.35 26.74 4.37
C THR A 144 0.77 27.70 4.76
N TYR A 145 1.16 28.56 3.83
CA TYR A 145 2.19 29.57 4.08
C TYR A 145 1.73 30.47 5.23
N VAL A 146 0.48 30.90 5.15
CA VAL A 146 -0.11 31.77 6.17
C VAL A 146 -0.12 31.10 7.55
N ALA A 147 -0.43 29.80 7.59
CA ALA A 147 -0.45 29.07 8.85
C ALA A 147 0.96 28.96 9.40
N TRP A 148 1.92 28.82 8.50
CA TRP A 148 3.31 28.73 8.90
C TRP A 148 3.76 30.03 9.58
N LYS A 149 3.46 31.17 8.95
CA LYS A 149 3.83 32.48 9.51
C LYS A 149 3.12 32.73 10.83
N LEU A 150 1.81 32.53 10.85
CA LEU A 150 0.99 32.75 12.04
C LEU A 150 1.30 31.80 13.20
N SER A 151 1.61 30.55 12.88
CA SER A 151 1.91 29.56 13.90
C SER A 151 3.25 29.74 14.59
N GLY A 152 4.26 30.20 13.83
CA GLY A 152 5.58 30.37 14.39
C GLY A 152 6.26 29.01 14.49
N LEU A 153 5.60 27.98 13.96
CA LEU A 153 6.12 26.62 13.98
C LEU A 153 7.21 26.42 12.95
N PRO A 154 8.12 25.45 13.18
CA PRO A 154 9.18 25.19 12.21
C PRO A 154 8.52 24.54 10.98
N ARG A 155 9.13 24.72 9.81
CA ARG A 155 8.56 24.18 8.57
C ARG A 155 8.14 22.71 8.56
N ASN A 156 8.85 21.85 9.29
CA ASN A 156 8.53 20.43 9.30
C ASN A 156 7.20 20.09 9.96
N ARG A 157 6.61 21.04 10.67
CA ARG A 157 5.36 20.78 11.35
C ARG A 157 4.16 21.53 10.82
N VAL A 158 4.28 22.04 9.59
CA VAL A 158 3.19 22.76 8.93
C VAL A 158 3.14 22.24 7.50
N ILE A 159 2.14 21.41 7.25
CA ILE A 159 1.96 20.75 5.97
C ILE A 159 0.65 21.08 5.25
N GLY A 160 0.72 21.17 3.92
CA GLY A 160 -0.47 21.44 3.14
C GLY A 160 -0.85 20.17 2.40
N SER A 161 -2.15 19.92 2.24
CA SER A 161 -2.59 18.72 1.53
C SER A 161 -2.14 18.76 0.07
N GLY A 162 -1.96 19.97 -0.45
CA GLY A 162 -1.49 20.14 -1.81
C GLY A 162 -2.08 19.24 -2.88
N THR A 163 -1.20 18.59 -3.63
CA THR A 163 -1.60 17.70 -4.72
C THR A 163 -1.71 16.24 -4.33
N ASN A 164 -1.84 15.96 -3.04
CA ASN A 164 -1.94 14.58 -2.60
C ASN A 164 -3.13 13.86 -3.24
N LEU A 165 -4.31 14.46 -3.19
CA LEU A 165 -5.50 13.86 -3.80
C LEU A 165 -5.46 13.90 -5.31
N ASP A 166 -4.95 14.99 -5.89
CA ASP A 166 -4.88 15.08 -7.34
C ASP A 166 -3.95 14.00 -7.90
N SER A 167 -2.93 13.62 -7.16
CA SER A 167 -2.04 12.57 -7.61
C SER A 167 -2.77 11.22 -7.47
N ALA A 168 -3.58 11.09 -6.43
CA ALA A 168 -4.35 9.88 -6.21
C ALA A 168 -5.39 9.74 -7.30
N ARG A 169 -6.02 10.87 -7.66
CA ARG A 169 -7.02 10.87 -8.71
C ARG A 169 -6.38 10.47 -10.03
N PHE A 170 -5.18 10.98 -10.27
CA PHE A 170 -4.44 10.66 -11.48
C PHE A 170 -4.11 9.17 -11.57
N ARG A 171 -3.70 8.59 -10.45
CA ARG A 171 -3.35 7.17 -10.40
C ARG A 171 -4.62 6.33 -10.60
N HIS A 172 -5.75 6.84 -10.11
CA HIS A 172 -7.04 6.17 -10.28
C HIS A 172 -7.46 6.16 -11.75
N LEU A 173 -7.33 7.30 -12.40
CA LEU A 173 -7.71 7.42 -13.81
C LEU A 173 -6.77 6.58 -14.67
N MET A 174 -5.50 6.58 -14.32
CA MET A 174 -4.49 5.80 -15.03
C MET A 174 -4.84 4.33 -14.87
N GLY A 175 -5.23 3.96 -13.64
CA GLY A 175 -5.60 2.59 -13.35
C GLY A 175 -6.78 2.15 -14.17
N GLU A 176 -7.82 2.97 -14.21
CA GLU A 176 -8.99 2.63 -15.00
C GLU A 176 -8.58 2.47 -16.47
N LYS A 177 -7.63 3.29 -16.91
CA LYS A 177 -7.17 3.22 -18.29
C LYS A 177 -6.42 1.93 -18.64
N LEU A 178 -5.55 1.49 -17.74
CA LEU A 178 -4.75 0.29 -17.99
C LEU A 178 -5.35 -0.98 -17.44
N GLY A 179 -6.43 -0.84 -16.68
CA GLY A 179 -7.09 -2.00 -16.11
C GLY A 179 -6.43 -2.61 -14.89
N ILE A 180 -5.74 -1.80 -14.09
CA ILE A 180 -5.08 -2.34 -12.90
C ILE A 180 -5.30 -1.45 -11.67
N HIS A 181 -5.03 -1.99 -10.48
CA HIS A 181 -5.24 -1.21 -9.27
C HIS A 181 -4.38 0.05 -9.20
N PRO A 182 -4.98 1.17 -8.78
CA PRO A 182 -4.26 2.44 -8.69
C PRO A 182 -2.96 2.41 -7.89
N SER A 183 -2.84 1.47 -6.95
CA SER A 183 -1.61 1.40 -6.18
C SER A 183 -0.44 0.85 -7.03
N ASN A 184 -0.75 0.28 -8.20
CA ASN A 184 0.31 -0.22 -9.06
C ASN A 184 0.66 0.77 -10.17
N CYS A 185 -0.15 1.82 -10.30
CA CYS A 185 0.10 2.85 -11.30
C CYS A 185 0.77 4.01 -10.61
N HIS A 186 1.95 4.37 -11.09
CA HIS A 186 2.69 5.45 -10.49
C HIS A 186 2.72 6.69 -11.37
N GLY A 187 2.41 7.83 -10.76
CA GLY A 187 2.39 9.10 -11.46
C GLY A 187 2.31 10.22 -10.45
N TRP A 188 3.02 11.31 -10.72
CA TRP A 188 3.03 12.44 -9.81
C TRP A 188 2.55 13.74 -10.42
N VAL A 189 1.69 14.43 -9.67
CA VAL A 189 1.14 15.71 -10.04
C VAL A 189 1.69 16.64 -8.95
N ILE A 190 2.48 17.62 -9.36
CA ILE A 190 3.09 18.52 -8.40
C ILE A 190 2.79 20.00 -8.63
N GLY A 191 3.48 20.86 -7.89
CA GLY A 191 3.30 22.29 -8.04
C GLY A 191 2.13 22.95 -7.32
N GLU A 192 1.52 23.89 -8.01
CA GLU A 192 0.39 24.64 -7.51
C GLU A 192 -0.87 23.77 -7.62
N HIS A 193 -1.57 23.59 -6.52
CA HIS A 193 -2.78 22.77 -6.55
C HIS A 193 -3.83 23.33 -7.48
N GLY A 194 -4.32 22.51 -8.40
CA GLY A 194 -5.35 22.98 -9.32
C GLY A 194 -4.96 23.02 -10.79
N ASP A 195 -5.49 24.01 -11.49
CA ASP A 195 -5.24 24.20 -12.93
C ASP A 195 -3.77 24.23 -13.34
N SER A 196 -2.94 24.90 -12.55
CA SER A 196 -1.53 25.05 -12.88
C SER A 196 -0.62 23.95 -12.37
N SER A 197 -1.20 22.85 -11.89
CA SER A 197 -0.39 21.75 -11.39
C SER A 197 0.38 21.10 -12.55
N VAL A 198 1.47 20.42 -12.23
CA VAL A 198 2.31 19.79 -13.25
C VAL A 198 2.39 18.28 -13.18
N PRO A 199 1.98 17.59 -14.25
CA PRO A 199 2.04 16.13 -14.26
C PRO A 199 3.44 15.77 -14.76
N VAL A 200 4.23 15.08 -13.94
CA VAL A 200 5.58 14.71 -14.34
C VAL A 200 5.60 13.43 -15.17
N TRP A 201 5.38 13.59 -16.48
CA TRP A 201 5.34 12.46 -17.40
C TRP A 201 6.49 11.48 -17.30
N SER A 202 7.68 11.97 -16.96
CA SER A 202 8.85 11.10 -16.86
C SER A 202 8.74 10.06 -15.75
N GLY A 203 7.88 10.31 -14.77
CA GLY A 203 7.74 9.38 -13.67
C GLY A 203 6.60 8.38 -13.80
N VAL A 204 5.71 8.61 -14.77
CA VAL A 204 4.56 7.72 -14.98
C VAL A 204 5.01 6.33 -15.38
N ASN A 205 4.74 5.35 -14.54
CA ASN A 205 5.17 3.98 -14.83
C ASN A 205 4.33 2.89 -14.14
N VAL A 206 4.58 1.65 -14.55
CA VAL A 206 3.95 0.48 -13.96
C VAL A 206 5.07 -0.54 -13.82
N ALA A 207 5.36 -0.95 -12.59
CA ALA A 207 6.42 -1.93 -12.36
C ALA A 207 7.75 -1.39 -12.89
N GLY A 208 7.94 -0.08 -12.77
CA GLY A 208 9.18 0.54 -13.21
C GLY A 208 9.30 0.84 -14.69
N VAL A 209 8.33 0.40 -15.49
CA VAL A 209 8.38 0.64 -16.93
C VAL A 209 7.88 2.04 -17.31
N PHE A 210 8.81 2.88 -17.81
CA PHE A 210 8.51 4.26 -18.24
C PHE A 210 7.45 4.19 -19.32
N LEU A 211 6.33 4.87 -19.13
CA LEU A 211 5.32 4.89 -20.17
C LEU A 211 5.75 5.94 -21.21
N GLN A 212 6.55 6.93 -20.78
CA GLN A 212 7.03 7.94 -21.71
C GLN A 212 8.12 7.31 -22.57
N GLY A 213 8.68 6.21 -22.09
CA GLY A 213 9.70 5.52 -22.86
C GLY A 213 9.03 4.86 -24.05
N LEU A 214 7.82 4.34 -23.82
CA LEU A 214 7.03 3.65 -24.85
C LEU A 214 6.33 4.63 -25.79
N ASN A 215 6.14 5.86 -25.32
CA ASN A 215 5.47 6.89 -26.10
C ASN A 215 6.05 8.26 -25.76
N PRO A 216 7.20 8.60 -26.34
CA PRO A 216 7.83 9.89 -26.06
C PRO A 216 6.97 11.14 -26.29
N ASP A 217 5.95 11.01 -27.12
CA ASP A 217 5.06 12.15 -27.40
C ASP A 217 4.02 12.33 -26.28
N MET A 218 4.07 11.42 -25.31
CA MET A 218 3.15 11.44 -24.17
C MET A 218 3.02 12.82 -23.53
N GLY A 219 1.80 13.30 -23.43
CA GLY A 219 1.56 14.59 -22.83
C GLY A 219 1.69 15.82 -23.73
N THR A 220 2.16 15.65 -24.96
CA THR A 220 2.30 16.78 -25.88
C THR A 220 1.24 16.74 -26.99
N ASP A 221 1.30 17.72 -27.90
CA ASP A 221 0.33 17.79 -28.99
C ASP A 221 0.48 16.61 -29.93
N LYS A 222 1.68 16.06 -30.01
CA LYS A 222 1.93 14.91 -30.88
C LYS A 222 1.36 13.63 -30.26
N ASP A 223 1.05 13.68 -28.97
CA ASP A 223 0.53 12.52 -28.27
C ASP A 223 -0.75 12.02 -28.93
N LYS A 224 -0.70 10.80 -29.43
CA LYS A 224 -1.85 10.22 -30.10
C LYS A 224 -2.85 9.59 -29.13
N GLU A 225 -2.39 9.28 -27.93
CA GLU A 225 -3.26 8.68 -26.92
C GLU A 225 -3.85 9.74 -25.98
N ASP A 226 -3.47 11.00 -26.22
CA ASP A 226 -3.97 12.15 -25.47
C ASP A 226 -3.90 12.06 -23.93
N TRP A 227 -2.74 11.71 -23.39
CA TRP A 227 -2.61 11.62 -21.94
C TRP A 227 -2.92 12.93 -21.23
N LYS A 228 -2.74 14.04 -21.93
CA LYS A 228 -3.01 15.35 -21.35
C LYS A 228 -4.44 15.44 -20.85
N SER A 229 -5.34 14.70 -21.48
CA SER A 229 -6.74 14.71 -21.08
C SER A 229 -6.90 14.05 -19.71
N VAL A 230 -5.98 13.18 -19.34
CA VAL A 230 -6.05 12.53 -18.05
C VAL A 230 -5.74 13.58 -16.98
N HIS A 231 -4.70 14.38 -17.19
CA HIS A 231 -4.35 15.42 -16.23
C HIS A 231 -5.43 16.48 -16.20
N LYS A 232 -6.07 16.71 -17.34
CA LYS A 232 -7.12 17.72 -17.39
C LYS A 232 -8.33 17.20 -16.63
N MET A 233 -8.55 15.87 -16.64
CA MET A 233 -9.66 15.28 -15.90
C MET A 233 -9.42 15.39 -14.40
N VAL A 234 -8.15 15.31 -14.01
CA VAL A 234 -7.78 15.43 -12.61
C VAL A 234 -8.14 16.81 -12.10
N VAL A 235 -7.60 17.84 -12.76
CA VAL A 235 -7.87 19.22 -12.37
C VAL A 235 -9.37 19.55 -12.43
N ASP A 236 -10.11 18.93 -13.34
CA ASP A 236 -11.54 19.20 -13.43
C ASP A 236 -12.41 18.31 -12.52
N SER A 237 -11.76 17.39 -11.79
CA SER A 237 -12.49 16.48 -10.90
C SER A 237 -13.41 17.10 -9.86
N ALA A 238 -12.88 18.01 -9.05
CA ALA A 238 -13.66 18.67 -8.01
C ALA A 238 -14.86 19.37 -8.64
N TYR A 239 -14.60 20.12 -9.70
CA TYR A 239 -15.63 20.85 -10.43
C TYR A 239 -16.80 19.95 -10.86
N GLU A 240 -16.45 18.78 -11.42
CA GLU A 240 -17.46 17.82 -11.89
C GLU A 240 -18.28 17.23 -10.76
N VAL A 241 -17.62 16.85 -9.67
CA VAL A 241 -18.32 16.28 -8.53
C VAL A 241 -19.22 17.36 -7.94
N ILE A 242 -18.70 18.58 -7.88
CA ILE A 242 -19.45 19.70 -7.34
C ILE A 242 -20.75 19.96 -8.09
N LYS A 243 -20.72 19.97 -9.41
CA LYS A 243 -21.97 20.22 -10.11
C LYS A 243 -22.90 19.01 -10.24
N LEU A 244 -22.50 17.87 -9.67
CA LEU A 244 -23.32 16.66 -9.70
C LEU A 244 -24.01 16.43 -8.36
N LYS A 245 -23.26 16.57 -7.27
CA LYS A 245 -23.81 16.35 -5.95
C LYS A 245 -23.82 17.58 -5.07
N GLY A 246 -23.17 18.66 -5.52
CA GLY A 246 -23.14 19.90 -4.76
C GLY A 246 -21.84 20.23 -4.04
N TYR A 247 -21.04 19.22 -3.75
CA TYR A 247 -19.79 19.42 -3.04
C TYR A 247 -18.98 18.13 -3.16
N THR A 248 -17.74 18.16 -2.64
CA THR A 248 -16.89 16.97 -2.65
C THR A 248 -16.53 16.74 -1.19
N SER A 249 -16.26 15.49 -0.81
CA SER A 249 -15.92 15.23 0.57
C SER A 249 -15.22 13.90 0.81
N TRP A 250 -15.77 12.82 0.28
CA TRP A 250 -15.20 11.49 0.49
C TRP A 250 -13.73 11.31 0.11
N ALA A 251 -13.38 11.63 -1.14
CA ALA A 251 -12.01 11.48 -1.60
C ALA A 251 -11.03 12.32 -0.76
N ILE A 252 -11.44 13.54 -0.41
CA ILE A 252 -10.58 14.39 0.39
C ILE A 252 -10.41 13.78 1.78
N GLY A 253 -11.50 13.27 2.33
CA GLY A 253 -11.45 12.65 3.64
C GLY A 253 -10.50 11.46 3.68
N MET A 254 -10.58 10.61 2.67
CA MET A 254 -9.71 9.44 2.61
C MET A 254 -8.26 9.89 2.48
N SER A 255 -8.05 10.93 1.67
CA SER A 255 -6.73 11.52 1.44
C SER A 255 -6.06 12.06 2.71
N ALA A 256 -6.84 12.76 3.52
CA ALA A 256 -6.33 13.32 4.78
C ALA A 256 -5.99 12.21 5.77
N ALA A 257 -6.86 11.19 5.85
CA ALA A 257 -6.63 10.07 6.75
C ALA A 257 -5.34 9.34 6.36
N ASP A 258 -5.07 9.28 5.07
CA ASP A 258 -3.87 8.64 4.56
C ASP A 258 -2.63 9.40 5.06
N LEU A 259 -2.67 10.72 4.94
CA LEU A 259 -1.58 11.58 5.40
C LEU A 259 -1.40 11.46 6.92
N CYS A 260 -2.50 11.38 7.66
CA CYS A 260 -2.43 11.27 9.11
C CYS A 260 -1.77 9.96 9.53
N GLN A 261 -2.07 8.89 8.81
CA GLN A 261 -1.50 7.59 9.15
C GLN A 261 0.02 7.60 9.01
N SER A 262 0.53 8.18 7.93
CA SER A 262 1.97 8.26 7.73
C SER A 262 2.59 9.02 8.88
N ILE A 263 1.94 10.12 9.27
CA ILE A 263 2.44 10.95 10.35
C ILE A 263 2.31 10.29 11.73
N LEU A 264 1.14 9.78 12.06
CA LEU A 264 0.93 9.16 13.36
C LEU A 264 1.74 7.89 13.56
N LYS A 265 1.94 7.11 12.51
CA LYS A 265 2.70 5.87 12.63
C LYS A 265 4.17 5.99 12.23
N ASN A 266 4.63 7.22 12.03
CA ASN A 266 6.04 7.47 11.68
C ASN A 266 6.51 6.55 10.55
N LEU A 267 5.73 6.49 9.47
CA LEU A 267 6.06 5.63 8.34
C LEU A 267 7.18 6.12 7.43
N ARG A 268 7.46 7.42 7.45
CA ARG A 268 8.47 8.01 6.59
C ARG A 268 8.10 7.66 5.16
N LYS A 269 6.82 7.80 4.83
CA LYS A 269 6.34 7.51 3.48
C LYS A 269 6.36 8.78 2.62
N CYS A 270 6.49 8.57 1.31
CA CYS A 270 6.54 9.67 0.35
C CYS A 270 5.15 10.10 -0.11
N HIS A 271 4.83 11.39 0.06
CA HIS A 271 3.53 11.95 -0.33
C HIS A 271 3.74 13.27 -1.06
N PRO A 272 2.89 13.57 -2.06
CA PRO A 272 3.08 14.85 -2.74
C PRO A 272 2.31 15.91 -1.94
N VAL A 273 3.02 16.60 -1.04
CA VAL A 273 2.41 17.62 -0.18
C VAL A 273 2.99 19.02 -0.34
N SER A 274 2.20 20.01 0.08
CA SER A 274 2.61 21.40 -0.01
C SER A 274 3.56 21.78 1.13
N THR A 275 4.74 22.26 0.74
CA THR A 275 5.77 22.67 1.68
C THR A 275 6.59 23.81 1.09
N LEU A 276 7.42 24.45 1.92
CA LEU A 276 8.26 25.55 1.46
C LEU A 276 9.22 25.07 0.38
N VAL A 277 9.23 25.74 -0.77
CA VAL A 277 10.13 25.34 -1.84
C VAL A 277 11.15 26.40 -2.29
N LYS A 278 11.28 27.48 -1.53
CA LYS A 278 12.26 28.51 -1.88
C LYS A 278 13.62 27.83 -2.04
N GLY A 279 14.27 28.07 -3.16
CA GLY A 279 15.57 27.48 -3.40
C GLY A 279 15.54 26.20 -4.24
N MET A 280 14.35 25.80 -4.66
CA MET A 280 14.19 24.60 -5.48
C MET A 280 13.64 24.96 -6.85
N HIS A 281 14.19 24.33 -7.88
CA HIS A 281 13.73 24.54 -9.24
C HIS A 281 13.66 26.01 -9.68
N GLY A 282 14.44 26.88 -9.04
CA GLY A 282 14.43 28.28 -9.42
C GLY A 282 13.54 29.21 -8.63
N VAL A 283 12.71 28.66 -7.75
CA VAL A 283 11.82 29.48 -6.94
C VAL A 283 12.72 30.26 -5.98
N ASN A 284 12.48 31.56 -5.85
CA ASN A 284 13.29 32.41 -4.99
C ASN A 284 12.57 33.08 -3.83
N GLU A 285 11.26 32.90 -3.76
CA GLU A 285 10.49 33.52 -2.69
C GLU A 285 9.96 32.45 -1.75
N GLU A 286 9.55 32.87 -0.56
CA GLU A 286 9.00 31.93 0.41
C GLU A 286 7.56 31.58 0.04
N VAL A 287 7.41 30.55 -0.78
CA VAL A 287 6.10 30.08 -1.19
C VAL A 287 6.03 28.57 -1.00
N PHE A 288 4.81 28.07 -0.85
CA PHE A 288 4.58 26.65 -0.65
C PHE A 288 3.96 26.07 -1.92
N LEU A 289 4.53 24.99 -2.41
CA LEU A 289 4.05 24.30 -3.59
C LEU A 289 4.15 22.82 -3.26
N SER A 290 3.52 21.96 -4.06
CA SER A 290 3.59 20.53 -3.80
C SER A 290 4.76 19.84 -4.48
N VAL A 291 5.44 19.00 -3.70
CA VAL A 291 6.56 18.20 -4.16
C VAL A 291 6.58 16.95 -3.29
N PRO A 292 7.20 15.86 -3.76
CA PRO A 292 7.23 14.66 -2.93
C PRO A 292 8.07 14.86 -1.66
N CYS A 293 7.47 14.57 -0.51
CA CYS A 293 8.11 14.73 0.78
C CYS A 293 7.97 13.46 1.63
N ILE A 294 8.84 13.30 2.61
CA ILE A 294 8.79 12.16 3.49
C ILE A 294 8.10 12.60 4.79
N LEU A 295 7.04 11.88 5.20
CA LEU A 295 6.29 12.23 6.40
C LEU A 295 6.32 11.20 7.53
N GLY A 296 6.48 11.68 8.76
CA GLY A 296 6.53 10.82 9.94
C GLY A 296 6.02 11.56 11.16
N ASN A 297 6.33 11.05 12.37
CA ASN A 297 5.85 11.70 13.58
C ASN A 297 6.61 12.99 13.91
N SER A 298 7.64 13.29 13.12
CA SER A 298 8.40 14.52 13.31
C SER A 298 7.91 15.50 12.27
N GLY A 299 6.97 15.03 11.43
CA GLY A 299 6.40 15.87 10.39
C GLY A 299 7.04 15.67 9.02
N LEU A 300 7.14 16.75 8.27
CA LEU A 300 7.75 16.70 6.95
C LEU A 300 9.25 16.92 7.14
N THR A 301 9.98 15.81 7.27
CA THR A 301 11.41 15.85 7.52
C THR A 301 12.35 15.89 6.31
N ASP A 302 11.88 15.43 5.15
CA ASP A 302 12.72 15.42 3.96
C ASP A 302 11.92 15.71 2.71
N VAL A 303 12.58 16.32 1.73
CA VAL A 303 11.96 16.63 0.46
C VAL A 303 12.75 15.94 -0.63
N VAL A 304 12.04 15.38 -1.61
CA VAL A 304 12.69 14.69 -2.72
C VAL A 304 12.92 15.66 -3.86
N HIS A 305 14.13 15.62 -4.42
CA HIS A 305 14.47 16.50 -5.53
C HIS A 305 14.27 15.77 -6.84
N MET A 306 13.18 16.06 -7.52
CA MET A 306 12.90 15.41 -8.79
C MET A 306 13.71 16.10 -9.86
N THR A 307 14.12 15.35 -10.87
CA THR A 307 14.86 15.98 -11.94
C THR A 307 13.75 16.34 -12.91
N LEU A 308 13.46 17.63 -13.05
CA LEU A 308 12.40 18.08 -13.93
C LEU A 308 12.93 18.73 -15.20
N LYS A 309 12.08 18.75 -16.23
CA LYS A 309 12.42 19.38 -17.50
C LYS A 309 12.36 20.90 -17.29
N SER A 310 13.29 21.65 -17.88
CA SER A 310 13.29 23.10 -17.71
C SER A 310 11.86 23.67 -17.89
N ASP A 311 11.09 23.05 -18.78
CA ASP A 311 9.70 23.46 -19.04
C ASP A 311 8.83 23.26 -17.80
N GLU A 312 9.04 22.12 -17.14
CA GLU A 312 8.27 21.81 -15.95
C GLU A 312 8.61 22.81 -14.86
N GLU A 313 9.90 23.13 -14.70
CA GLU A 313 10.33 24.09 -13.68
C GLU A 313 9.77 25.48 -13.97
N LYS A 314 9.62 25.81 -15.26
CA LYS A 314 9.10 27.11 -15.66
C LYS A 314 7.69 27.34 -15.11
N GLN A 315 6.87 26.29 -15.11
CA GLN A 315 5.52 26.38 -14.60
C GLN A 315 5.56 26.58 -13.08
N LEU A 316 6.50 25.92 -12.42
CA LEU A 316 6.66 26.04 -10.97
C LEU A 316 7.09 27.46 -10.57
N VAL A 317 7.94 28.07 -11.39
CA VAL A 317 8.41 29.42 -11.12
C VAL A 317 7.26 30.40 -11.38
N LYS A 318 6.53 30.19 -12.46
CA LYS A 318 5.41 31.06 -12.76
C LYS A 318 4.40 31.03 -11.59
N SER A 319 4.16 29.84 -11.05
CA SER A 319 3.25 29.65 -9.93
C SER A 319 3.77 30.39 -8.73
N ALA A 320 5.03 30.14 -8.40
CA ALA A 320 5.68 30.80 -7.27
C ALA A 320 5.47 32.31 -7.36
N GLU A 321 5.71 32.85 -8.55
CA GLU A 321 5.55 34.29 -8.76
C GLU A 321 4.12 34.74 -8.58
N THR A 322 3.16 33.93 -9.03
CA THR A 322 1.75 34.27 -8.87
C THR A 322 1.36 34.25 -7.39
N LEU A 323 1.85 33.25 -6.68
CA LEU A 323 1.59 33.11 -5.24
C LEU A 323 2.21 34.25 -4.44
N TRP A 324 3.48 34.56 -4.71
CA TRP A 324 4.17 35.62 -3.99
C TRP A 324 3.45 36.95 -4.24
N GLY A 325 2.99 37.14 -5.46
CA GLY A 325 2.28 38.37 -5.78
C GLY A 325 1.08 38.58 -4.88
N VAL A 326 0.41 37.49 -4.51
CA VAL A 326 -0.76 37.63 -3.65
C VAL A 326 -0.37 37.77 -2.18
N GLN A 327 0.65 37.03 -1.77
CA GLN A 327 1.11 37.07 -0.39
C GLN A 327 1.57 38.46 0.06
N LYS A 328 2.30 39.18 -0.80
CA LYS A 328 2.76 40.54 -0.43
C LYS A 328 1.62 41.53 -0.21
N ASP A 329 0.47 41.26 -0.82
CA ASP A 329 -0.69 42.15 -0.69
C ASP A 329 -1.60 41.75 0.48
N LEU A 330 -1.23 40.71 1.22
CA LEU A 330 -2.04 40.26 2.35
C LEU A 330 -1.66 40.98 3.66
N THR A 331 -2.57 40.97 4.62
CA THR A 331 -2.33 41.61 5.91
C THR A 331 -2.40 40.54 7.01
N LEU A 332 -1.24 40.08 7.47
CA LEU A 332 -1.22 39.05 8.51
C LEU A 332 -1.54 39.60 9.89
N ALA B 1 -34.94 -31.64 26.83
CA ALA B 1 -34.35 -30.63 25.89
C ALA B 1 -33.04 -30.10 26.46
N SER B 2 -31.98 -30.14 25.65
CA SER B 2 -30.66 -29.67 26.06
C SER B 2 -30.66 -28.14 26.19
N THR B 3 -29.64 -27.60 26.84
CA THR B 3 -29.52 -26.16 27.00
C THR B 3 -29.50 -25.51 25.61
N LYS B 4 -28.75 -26.11 24.70
CA LYS B 4 -28.64 -25.61 23.34
C LYS B 4 -29.97 -25.61 22.59
N GLU B 5 -30.76 -26.66 22.75
CA GLU B 5 -32.05 -26.75 22.08
C GLU B 5 -33.05 -25.77 22.67
N LYS B 6 -32.86 -25.44 23.95
CA LYS B 6 -33.73 -24.49 24.65
C LYS B 6 -33.31 -23.04 24.44
N LEU B 7 -32.02 -22.85 24.14
CA LEU B 7 -31.49 -21.50 23.97
C LEU B 7 -31.49 -21.02 22.52
N ILE B 8 -31.08 -21.90 21.61
CA ILE B 8 -30.99 -21.57 20.19
C ILE B 8 -31.94 -22.37 19.33
N THR B 9 -32.63 -21.69 18.42
CA THR B 9 -33.56 -22.33 17.52
C THR B 9 -33.18 -22.10 16.07
N HIS B 10 -32.99 -23.18 15.32
CA HIS B 10 -32.63 -23.08 13.92
C HIS B 10 -33.88 -22.66 13.16
N VAL B 11 -33.82 -21.55 12.42
CA VAL B 11 -34.98 -21.09 11.67
C VAL B 11 -34.84 -21.13 10.15
N SER B 12 -33.72 -21.66 9.65
CA SER B 12 -33.51 -21.72 8.21
C SER B 12 -33.85 -23.10 7.63
N LYS B 13 -34.57 -23.11 6.50
CA LYS B 13 -34.94 -24.37 5.84
C LYS B 13 -34.25 -24.44 4.49
N GLU B 14 -33.22 -23.62 4.33
CA GLU B 14 -32.45 -23.56 3.10
C GLU B 14 -31.08 -24.17 3.35
N GLU B 15 -30.46 -24.75 2.33
CA GLU B 15 -29.15 -25.38 2.49
C GLU B 15 -28.06 -24.33 2.76
N PRO B 16 -27.16 -24.62 3.71
CA PRO B 16 -26.09 -23.66 4.04
C PRO B 16 -25.33 -23.26 2.77
N ALA B 17 -24.94 -22.00 2.70
CA ALA B 17 -24.25 -21.45 1.53
C ALA B 17 -22.85 -21.98 1.20
N GLY B 18 -22.02 -22.25 2.21
CA GLY B 18 -20.68 -22.71 1.89
C GLY B 18 -19.71 -21.52 1.89
N PRO B 19 -18.41 -21.76 2.11
CA PRO B 19 -17.41 -20.69 2.14
C PRO B 19 -17.29 -19.84 0.88
N THR B 20 -16.93 -18.56 1.07
CA THR B 20 -16.78 -17.66 -0.06
C THR B 20 -15.31 -17.40 -0.40
N ASN B 21 -14.45 -17.37 0.62
CA ASN B 21 -13.03 -17.13 0.38
C ASN B 21 -12.13 -18.14 1.06
N LYS B 22 -12.47 -19.42 0.95
CA LYS B 22 -11.67 -20.46 1.58
C LYS B 22 -10.23 -20.59 1.05
N VAL B 23 -9.31 -20.79 1.98
CA VAL B 23 -7.90 -20.94 1.65
C VAL B 23 -7.36 -22.23 2.29
N THR B 24 -6.59 -23.00 1.51
CA THR B 24 -5.98 -24.21 2.02
C THR B 24 -4.46 -24.07 1.97
N VAL B 25 -3.79 -24.57 3.00
CA VAL B 25 -2.34 -24.54 3.07
C VAL B 25 -1.83 -25.98 3.19
N VAL B 26 -1.11 -26.44 2.16
CA VAL B 26 -0.56 -27.79 2.13
C VAL B 26 0.85 -27.77 2.73
N GLY B 27 1.02 -28.47 3.85
CA GLY B 27 2.31 -28.49 4.51
C GLY B 27 2.29 -27.51 5.66
N VAL B 28 2.25 -28.01 6.88
CA VAL B 28 2.21 -27.14 8.03
C VAL B 28 3.55 -26.99 8.74
N GLY B 29 4.61 -26.96 7.96
CA GLY B 29 5.94 -26.76 8.52
C GLY B 29 6.00 -25.28 8.82
N MET B 30 7.17 -24.77 9.18
CA MET B 30 7.29 -23.35 9.51
C MET B 30 6.78 -22.39 8.43
N VAL B 31 7.12 -22.63 7.17
CA VAL B 31 6.67 -21.77 6.08
C VAL B 31 5.14 -21.82 5.97
N GLY B 32 4.59 -23.03 5.97
CA GLY B 32 3.15 -23.18 5.87
C GLY B 32 2.45 -22.43 6.99
N MET B 33 2.91 -22.61 8.22
CA MET B 33 2.31 -21.96 9.37
C MET B 33 2.47 -20.44 9.38
N ALA B 34 3.59 -19.94 8.87
CA ALA B 34 3.83 -18.50 8.83
C ALA B 34 2.82 -17.88 7.86
N ALA B 35 2.55 -18.59 6.77
CA ALA B 35 1.60 -18.12 5.78
C ALA B 35 0.20 -18.17 6.40
N ALA B 36 -0.13 -19.30 7.03
CA ALA B 36 -1.44 -19.48 7.64
C ALA B 36 -1.72 -18.41 8.68
N ILE B 37 -0.74 -18.17 9.55
CA ILE B 37 -0.88 -17.18 10.61
C ILE B 37 -1.05 -15.76 10.04
N SER B 38 -0.37 -15.48 8.92
CA SER B 38 -0.46 -14.18 8.28
C SER B 38 -1.82 -13.99 7.63
N ILE B 39 -2.35 -15.06 7.07
CA ILE B 39 -3.65 -15.03 6.43
C ILE B 39 -4.76 -14.83 7.45
N LEU B 40 -4.63 -15.46 8.62
CA LEU B 40 -5.63 -15.33 9.66
C LEU B 40 -5.65 -13.93 10.31
N LEU B 41 -4.47 -13.44 10.69
CA LEU B 41 -4.37 -12.13 11.33
C LEU B 41 -4.82 -10.97 10.45
N LYS B 42 -4.74 -11.15 9.13
CA LYS B 42 -5.15 -10.11 8.20
C LYS B 42 -6.60 -10.30 7.72
N ASP B 43 -7.35 -11.15 8.43
CA ASP B 43 -8.76 -11.44 8.13
C ASP B 43 -9.06 -11.65 6.63
N LEU B 44 -8.32 -12.53 5.98
CA LEU B 44 -8.52 -12.76 4.56
C LEU B 44 -9.45 -13.91 4.20
N THR B 45 -9.61 -14.89 5.09
CA THR B 45 -10.45 -16.02 4.75
C THR B 45 -11.56 -16.36 5.74
N ASP B 46 -12.65 -16.91 5.23
CA ASP B 46 -13.77 -17.29 6.08
C ASP B 46 -13.67 -18.77 6.47
N GLU B 47 -12.65 -19.45 5.96
CA GLU B 47 -12.40 -20.86 6.28
C GLU B 47 -10.97 -21.24 5.87
N LEU B 48 -10.17 -21.67 6.83
CA LEU B 48 -8.80 -22.07 6.57
C LEU B 48 -8.65 -23.59 6.73
N ALA B 49 -8.19 -24.24 5.66
CA ALA B 49 -7.97 -25.68 5.67
C ALA B 49 -6.48 -26.00 5.66
N LEU B 50 -6.07 -26.93 6.52
CA LEU B 50 -4.67 -27.32 6.62
C LEU B 50 -4.52 -28.82 6.35
N VAL B 51 -3.46 -29.20 5.65
CA VAL B 51 -3.21 -30.61 5.34
C VAL B 51 -1.72 -30.91 5.41
N ASP B 52 -1.38 -32.13 5.81
CA ASP B 52 0.02 -32.54 5.91
C ASP B 52 0.07 -34.03 6.21
N VAL B 53 1.13 -34.69 5.75
CA VAL B 53 1.26 -36.13 5.99
C VAL B 53 1.56 -36.41 7.46
N MET B 54 2.25 -35.50 8.13
CA MET B 54 2.57 -35.67 9.53
C MET B 54 1.32 -35.32 10.36
N GLU B 55 0.48 -36.34 10.59
CA GLU B 55 -0.79 -36.16 11.31
C GLU B 55 -0.77 -35.51 12.70
N ASP B 56 0.13 -35.93 13.58
CA ASP B 56 0.16 -35.33 14.91
C ASP B 56 0.46 -33.84 14.81
N LYS B 57 1.56 -33.50 14.13
CA LYS B 57 1.96 -32.12 13.97
C LYS B 57 0.84 -31.27 13.39
N LEU B 58 0.13 -31.81 12.41
CA LEU B 58 -0.97 -31.11 11.77
C LEU B 58 -2.10 -30.80 12.76
N LYS B 59 -2.47 -31.81 13.55
CA LYS B 59 -3.52 -31.71 14.54
C LYS B 59 -3.16 -30.71 15.65
N GLY B 60 -1.88 -30.64 15.97
CA GLY B 60 -1.44 -29.73 17.01
C GLY B 60 -1.44 -28.27 16.58
N GLU B 61 -1.09 -28.02 15.32
CA GLU B 61 -1.05 -26.68 14.78
C GLU B 61 -2.47 -26.16 14.64
N ALA B 62 -3.34 -26.98 14.08
CA ALA B 62 -4.74 -26.61 13.89
C ALA B 62 -5.34 -26.31 15.25
N MET B 63 -5.12 -27.21 16.21
CA MET B 63 -5.64 -27.04 17.55
C MET B 63 -5.12 -25.73 18.15
N ASP B 64 -3.81 -25.49 18.03
CA ASP B 64 -3.23 -24.27 18.57
C ASP B 64 -3.92 -23.05 17.96
N LEU B 65 -4.13 -23.06 16.64
CA LEU B 65 -4.78 -21.95 15.96
C LEU B 65 -6.25 -21.75 16.34
N GLN B 66 -6.99 -22.85 16.44
CA GLN B 66 -8.41 -22.78 16.78
C GLN B 66 -8.64 -22.17 18.17
N HIS B 67 -7.69 -22.33 19.06
CA HIS B 67 -7.82 -21.81 20.41
C HIS B 67 -7.79 -20.28 20.46
N GLY B 68 -7.36 -19.66 19.36
CA GLY B 68 -7.30 -18.21 19.30
C GLY B 68 -8.48 -17.62 18.57
N SER B 69 -9.47 -18.46 18.26
CA SER B 69 -10.68 -18.04 17.54
C SER B 69 -11.28 -16.72 17.99
N LEU B 70 -11.35 -16.52 19.30
CA LEU B 70 -11.90 -15.30 19.85
C LEU B 70 -11.23 -14.05 19.27
N PHE B 71 -9.95 -14.16 18.96
CA PHE B 71 -9.20 -13.03 18.42
C PHE B 71 -9.15 -12.99 16.88
N LEU B 72 -9.97 -13.80 16.22
CA LEU B 72 -9.98 -13.85 14.77
C LEU B 72 -11.37 -13.71 14.17
N LYS B 73 -11.43 -13.34 12.89
CA LYS B 73 -12.70 -13.20 12.22
C LYS B 73 -12.85 -14.28 11.16
N THR B 74 -12.42 -15.50 11.50
CA THR B 74 -12.48 -16.63 10.60
C THR B 74 -13.51 -17.62 11.12
N HIS B 75 -14.51 -17.93 10.31
CA HIS B 75 -15.56 -18.85 10.72
C HIS B 75 -15.04 -20.16 11.31
N LYS B 76 -14.21 -20.88 10.56
CA LYS B 76 -13.67 -22.13 11.06
C LYS B 76 -12.29 -22.47 10.50
N ILE B 77 -11.54 -23.26 11.27
CA ILE B 77 -10.21 -23.71 10.91
C ILE B 77 -10.24 -25.24 10.93
N VAL B 78 -10.11 -25.86 9.77
CA VAL B 78 -10.16 -27.33 9.66
C VAL B 78 -8.85 -27.98 9.23
N ALA B 79 -8.62 -29.22 9.68
CA ALA B 79 -7.40 -29.94 9.33
C ALA B 79 -7.65 -31.45 9.24
N ASP B 80 -6.91 -32.11 8.35
CA ASP B 80 -7.04 -33.54 8.18
C ASP B 80 -6.07 -34.10 7.14
N LYS B 81 -5.84 -35.41 7.23
CA LYS B 81 -4.96 -36.13 6.34
C LYS B 81 -5.66 -36.40 5.00
N ASP B 82 -6.99 -36.41 5.03
CA ASP B 82 -7.80 -36.63 3.83
C ASP B 82 -8.04 -35.27 3.17
N TYR B 83 -7.75 -35.18 1.88
CA TYR B 83 -7.93 -33.92 1.13
C TYR B 83 -9.37 -33.43 0.96
N SER B 84 -10.35 -34.24 1.36
CA SER B 84 -11.74 -33.83 1.23
C SER B 84 -12.00 -32.59 2.09
N VAL B 85 -11.14 -32.38 3.09
CA VAL B 85 -11.27 -31.25 3.98
C VAL B 85 -10.97 -29.92 3.28
N THR B 86 -10.34 -29.99 2.10
CA THR B 86 -9.98 -28.79 1.35
C THR B 86 -11.00 -28.41 0.28
N ALA B 87 -12.12 -29.12 0.22
CA ALA B 87 -13.13 -28.85 -0.79
C ALA B 87 -13.51 -27.38 -0.91
N ASN B 88 -13.74 -26.95 -2.14
CA ASN B 88 -14.15 -25.58 -2.46
C ASN B 88 -13.20 -24.45 -2.02
N SER B 89 -11.90 -24.65 -2.16
CA SER B 89 -10.94 -23.61 -1.81
C SER B 89 -10.77 -22.63 -2.96
N LYS B 90 -10.61 -21.34 -2.65
CA LYS B 90 -10.40 -20.35 -3.72
C LYS B 90 -8.92 -20.34 -4.05
N VAL B 91 -8.09 -20.47 -3.02
CA VAL B 91 -6.65 -20.48 -3.18
C VAL B 91 -5.99 -21.58 -2.35
N VAL B 92 -5.07 -22.31 -2.97
CA VAL B 92 -4.35 -23.37 -2.30
C VAL B 92 -2.86 -23.09 -2.37
N VAL B 93 -2.25 -22.89 -1.19
CA VAL B 93 -0.83 -22.61 -1.08
C VAL B 93 -0.08 -23.94 -0.86
N VAL B 94 0.84 -24.26 -1.76
CA VAL B 94 1.60 -25.50 -1.64
C VAL B 94 3.02 -25.23 -1.13
N THR B 95 3.31 -25.71 0.07
CA THR B 95 4.63 -25.51 0.70
C THR B 95 5.37 -26.82 0.86
N ALA B 96 4.67 -27.92 0.62
CA ALA B 96 5.24 -29.26 0.76
C ALA B 96 6.39 -29.47 -0.23
N GLY B 97 7.24 -30.44 0.06
CA GLY B 97 8.36 -30.71 -0.81
C GLY B 97 9.20 -31.85 -0.31
N ALA B 98 10.17 -32.27 -1.11
CA ALA B 98 11.04 -33.36 -0.72
C ALA B 98 12.21 -32.86 0.10
N ARG B 99 12.56 -33.61 1.15
CA ARG B 99 13.68 -33.21 1.98
C ARG B 99 14.93 -33.59 1.19
N GLN B 100 15.75 -32.58 0.87
CA GLN B 100 16.98 -32.79 0.12
C GLN B 100 17.81 -33.89 0.77
N GLN B 101 18.80 -34.40 0.02
CA GLN B 101 19.66 -35.45 0.52
C GLN B 101 21.14 -35.18 0.25
N GLU B 102 21.97 -36.09 0.74
CA GLU B 102 23.43 -36.04 0.62
C GLU B 102 23.82 -36.10 -0.86
N GLY B 103 24.59 -35.10 -1.32
CA GLY B 103 25.04 -35.09 -2.70
C GLY B 103 24.14 -35.78 -3.72
N GLU B 104 22.89 -35.32 -3.81
CA GLU B 104 21.89 -35.88 -4.73
C GLU B 104 21.75 -34.90 -5.89
N SER B 105 21.78 -35.40 -7.13
CA SER B 105 21.66 -34.52 -8.27
C SER B 105 20.41 -33.63 -8.16
N ARG B 106 20.44 -32.51 -8.87
CA ARG B 106 19.31 -31.59 -8.85
C ARG B 106 18.10 -32.19 -9.56
N LEU B 107 18.37 -33.00 -10.59
CA LEU B 107 17.31 -33.64 -11.36
C LEU B 107 16.59 -34.67 -10.51
N ASN B 108 17.33 -35.33 -9.61
CA ASN B 108 16.73 -36.32 -8.74
C ASN B 108 15.92 -35.65 -7.64
N LEU B 109 16.39 -34.51 -7.16
CA LEU B 109 15.68 -33.77 -6.12
C LEU B 109 14.34 -33.32 -6.71
N VAL B 110 14.43 -32.73 -7.89
CA VAL B 110 13.23 -32.27 -8.57
C VAL B 110 12.28 -33.44 -8.84
N GLN B 111 12.82 -34.55 -9.30
CA GLN B 111 11.98 -35.72 -9.59
C GLN B 111 11.33 -36.25 -8.31
N ARG B 112 12.05 -36.13 -7.19
CA ARG B 112 11.51 -36.60 -5.91
C ARG B 112 10.30 -35.73 -5.58
N ASN B 113 10.45 -34.42 -5.79
CA ASN B 113 9.37 -33.48 -5.54
C ASN B 113 8.21 -33.74 -6.48
N VAL B 114 8.54 -34.03 -7.74
CA VAL B 114 7.50 -34.33 -8.71
C VAL B 114 6.65 -35.49 -8.21
N ASN B 115 7.31 -36.50 -7.65
CA ASN B 115 6.60 -37.67 -7.16
C ASN B 115 5.69 -37.28 -6.00
N ILE B 116 6.14 -36.33 -5.19
CA ILE B 116 5.30 -35.89 -4.09
C ILE B 116 4.08 -35.17 -4.68
N PHE B 117 4.29 -34.32 -5.68
CA PHE B 117 3.19 -33.58 -6.31
C PHE B 117 2.21 -34.48 -7.06
N LYS B 118 2.68 -35.64 -7.51
CA LYS B 118 1.80 -36.56 -8.23
C LYS B 118 0.67 -37.05 -7.34
N PHE B 119 0.84 -36.92 -6.03
CA PHE B 119 -0.20 -37.29 -5.10
C PHE B 119 -1.01 -36.04 -4.78
N ILE B 120 -0.34 -35.07 -4.18
CA ILE B 120 -0.96 -33.80 -3.77
C ILE B 120 -1.83 -33.10 -4.81
N ILE B 121 -1.23 -32.69 -5.93
CA ILE B 121 -1.94 -31.96 -6.97
C ILE B 121 -3.26 -32.57 -7.40
N PRO B 122 -3.28 -33.84 -7.84
CA PRO B 122 -4.56 -34.44 -8.26
C PRO B 122 -5.61 -34.53 -7.14
N ASN B 123 -5.17 -34.58 -5.89
CA ASN B 123 -6.11 -34.63 -4.78
C ASN B 123 -6.69 -33.24 -4.52
N ILE B 124 -5.89 -32.22 -4.77
CA ILE B 124 -6.34 -30.84 -4.59
C ILE B 124 -7.40 -30.51 -5.64
N ILE B 125 -7.11 -30.87 -6.89
CA ILE B 125 -8.01 -30.60 -8.01
C ILE B 125 -9.32 -31.40 -7.95
N LYS B 126 -9.29 -32.55 -7.29
CA LYS B 126 -10.49 -33.38 -7.16
C LYS B 126 -11.55 -32.68 -6.31
N TYR B 127 -11.11 -32.02 -5.24
CA TYR B 127 -12.04 -31.33 -4.33
C TYR B 127 -12.21 -29.82 -4.58
N SER B 128 -11.31 -29.22 -5.35
CA SER B 128 -11.41 -27.80 -5.66
C SER B 128 -10.98 -27.57 -7.09
N PRO B 129 -11.81 -28.01 -8.06
CA PRO B 129 -11.50 -27.84 -9.48
C PRO B 129 -11.35 -26.41 -9.98
N ASN B 130 -12.00 -25.47 -9.30
CA ASN B 130 -11.96 -24.05 -9.70
C ASN B 130 -11.02 -23.21 -8.86
N CYS B 131 -10.05 -23.85 -8.23
CA CYS B 131 -9.11 -23.13 -7.38
C CYS B 131 -7.96 -22.50 -8.14
N ILE B 132 -7.12 -21.82 -7.39
CA ILE B 132 -5.93 -21.19 -7.90
C ILE B 132 -4.81 -21.75 -7.04
N LEU B 133 -3.82 -22.36 -7.69
CA LEU B 133 -2.70 -22.93 -6.96
C LEU B 133 -1.57 -21.93 -6.85
N LEU B 134 -1.09 -21.75 -5.63
CA LEU B 134 0.02 -20.86 -5.35
C LEU B 134 1.15 -21.74 -4.80
N VAL B 135 2.14 -22.02 -5.65
CA VAL B 135 3.27 -22.85 -5.28
C VAL B 135 4.41 -22.03 -4.67
N VAL B 136 4.82 -22.43 -3.48
CA VAL B 136 5.90 -21.78 -2.74
C VAL B 136 7.12 -22.71 -2.62
N SER B 137 6.90 -24.02 -2.77
CA SER B 137 7.94 -25.04 -2.69
C SER B 137 9.15 -24.73 -3.56
N ASN B 138 10.35 -24.99 -3.06
CA ASN B 138 11.56 -24.76 -3.84
C ASN B 138 12.06 -26.05 -4.47
N PRO B 139 12.59 -25.98 -5.69
CA PRO B 139 12.77 -24.79 -6.55
C PRO B 139 11.43 -24.34 -7.14
N VAL B 140 11.00 -23.14 -6.76
CA VAL B 140 9.71 -22.62 -7.17
C VAL B 140 9.37 -22.53 -8.67
N ASP B 141 10.29 -22.00 -9.47
CA ASP B 141 10.04 -21.87 -10.91
C ASP B 141 9.70 -23.20 -11.59
N ILE B 142 10.54 -24.21 -11.40
CA ILE B 142 10.30 -25.50 -12.02
C ILE B 142 9.11 -26.21 -11.37
N LEU B 143 9.00 -26.12 -10.05
CA LEU B 143 7.90 -26.79 -9.38
C LEU B 143 6.53 -26.21 -9.76
N THR B 144 6.49 -24.92 -10.12
CA THR B 144 5.24 -24.31 -10.53
C THR B 144 4.85 -24.94 -11.86
N TYR B 145 5.85 -25.14 -12.71
CA TYR B 145 5.68 -25.76 -14.02
C TYR B 145 5.10 -27.15 -13.82
N VAL B 146 5.68 -27.90 -12.89
CA VAL B 146 5.20 -29.24 -12.60
C VAL B 146 3.74 -29.22 -12.16
N ALA B 147 3.41 -28.35 -11.21
CA ALA B 147 2.04 -28.23 -10.71
C ALA B 147 1.09 -27.92 -11.87
N TRP B 148 1.52 -27.04 -12.77
CA TRP B 148 0.71 -26.66 -13.91
C TRP B 148 0.45 -27.84 -14.82
N LYS B 149 1.48 -28.66 -15.03
CA LYS B 149 1.37 -29.84 -15.88
C LYS B 149 0.44 -30.89 -15.28
N LEU B 150 0.71 -31.26 -14.03
CA LEU B 150 -0.08 -32.28 -13.33
C LEU B 150 -1.53 -31.90 -13.05
N SER B 151 -1.80 -30.61 -12.90
CA SER B 151 -3.15 -30.16 -12.59
C SER B 151 -4.10 -30.05 -13.78
N GLY B 152 -3.56 -29.67 -14.93
CA GLY B 152 -4.41 -29.52 -16.11
C GLY B 152 -5.19 -28.22 -16.11
N LEU B 153 -4.86 -27.33 -15.18
CA LEU B 153 -5.53 -26.03 -15.07
C LEU B 153 -4.92 -25.04 -16.07
N PRO B 154 -5.70 -24.04 -16.49
CA PRO B 154 -5.18 -23.05 -17.43
C PRO B 154 -4.08 -22.24 -16.72
N ARG B 155 -3.16 -21.66 -17.49
CA ARG B 155 -2.06 -20.91 -16.89
C ARG B 155 -2.43 -19.81 -15.89
N ASN B 156 -3.60 -19.20 -16.03
CA ASN B 156 -3.97 -18.15 -15.10
C ASN B 156 -4.23 -18.64 -13.68
N ARG B 157 -4.42 -19.94 -13.51
CA ARG B 157 -4.71 -20.46 -12.19
C ARG B 157 -3.61 -21.25 -11.50
N VAL B 158 -2.36 -21.11 -11.98
CA VAL B 158 -1.23 -21.79 -11.38
C VAL B 158 -0.10 -20.75 -11.28
N ILE B 159 0.18 -20.32 -10.07
CA ILE B 159 1.19 -19.28 -9.82
C ILE B 159 2.30 -19.70 -8.85
N GLY B 160 3.48 -19.15 -9.08
CA GLY B 160 4.61 -19.43 -8.21
C GLY B 160 4.98 -18.16 -7.47
N SER B 161 5.36 -18.28 -6.20
CA SER B 161 5.71 -17.10 -5.44
C SER B 161 6.85 -16.36 -6.13
N GLY B 162 7.64 -17.10 -6.90
CA GLY B 162 8.73 -16.53 -7.65
C GLY B 162 9.64 -15.61 -6.86
N THR B 163 9.79 -14.37 -7.34
CA THR B 163 10.65 -13.39 -6.70
C THR B 163 9.86 -12.34 -5.95
N ASN B 164 8.63 -12.68 -5.55
CA ASN B 164 7.80 -11.74 -4.83
C ASN B 164 8.51 -11.24 -3.57
N LEU B 165 9.05 -12.17 -2.78
CA LEU B 165 9.73 -11.81 -1.56
C LEU B 165 11.10 -11.18 -1.79
N ASP B 166 11.83 -11.65 -2.80
CA ASP B 166 13.14 -11.07 -3.08
C ASP B 166 13.01 -9.60 -3.49
N SER B 167 11.93 -9.25 -4.19
CA SER B 167 11.71 -7.87 -4.58
C SER B 167 11.36 -7.05 -3.33
N ALA B 168 10.62 -7.68 -2.41
CA ALA B 168 10.26 -7.02 -1.16
C ALA B 168 11.53 -6.79 -0.35
N ARG B 169 12.42 -7.79 -0.35
CA ARG B 169 13.69 -7.67 0.36
C ARG B 169 14.52 -6.55 -0.27
N PHE B 170 14.49 -6.45 -1.59
CA PHE B 170 15.23 -5.39 -2.28
C PHE B 170 14.68 -4.03 -1.83
N ARG B 171 13.37 -3.88 -1.89
CA ARG B 171 12.75 -2.63 -1.50
C ARG B 171 13.04 -2.28 -0.04
N HIS B 172 13.12 -3.29 0.82
CA HIS B 172 13.43 -3.06 2.23
C HIS B 172 14.83 -2.47 2.39
N LEU B 173 15.81 -3.15 1.82
CA LEU B 173 17.20 -2.70 1.91
C LEU B 173 17.33 -1.33 1.25
N MET B 174 16.66 -1.13 0.14
CA MET B 174 16.69 0.14 -0.54
C MET B 174 16.17 1.20 0.43
N GLY B 175 15.13 0.82 1.17
CA GLY B 175 14.51 1.71 2.13
C GLY B 175 15.42 2.07 3.29
N GLU B 176 16.14 1.08 3.81
CA GLU B 176 17.06 1.32 4.91
C GLU B 176 18.22 2.21 4.48
N LYS B 177 18.60 2.11 3.22
CA LYS B 177 19.69 2.89 2.68
C LYS B 177 19.26 4.35 2.50
N LEU B 178 18.05 4.57 1.98
CA LEU B 178 17.55 5.92 1.73
C LEU B 178 16.87 6.56 2.94
N GLY B 179 16.46 5.74 3.90
CA GLY B 179 15.79 6.25 5.08
C GLY B 179 14.31 6.48 4.90
N ILE B 180 13.67 5.71 4.01
CA ILE B 180 12.24 5.88 3.78
C ILE B 180 11.54 4.52 3.73
N HIS B 181 10.24 4.50 3.98
CA HIS B 181 9.48 3.25 4.00
C HIS B 181 9.68 2.46 2.70
N PRO B 182 9.77 1.13 2.78
CA PRO B 182 9.95 0.33 1.57
C PRO B 182 8.84 0.51 0.53
N SER B 183 7.63 0.82 0.97
CA SER B 183 6.53 0.99 0.04
C SER B 183 6.70 2.24 -0.84
N ASN B 184 7.73 3.03 -0.55
CA ASN B 184 8.00 4.24 -1.32
C ASN B 184 9.23 4.08 -2.19
N CYS B 185 9.87 2.93 -2.05
CA CYS B 185 11.06 2.62 -2.83
C CYS B 185 10.63 1.57 -3.83
N HIS B 186 10.82 1.88 -5.11
CA HIS B 186 10.42 0.95 -6.14
C HIS B 186 11.60 0.31 -6.84
N GLY B 187 11.55 -1.01 -6.95
CA GLY B 187 12.60 -1.75 -7.59
C GLY B 187 12.07 -3.15 -7.85
N TRP B 188 12.51 -3.75 -8.93
CA TRP B 188 12.05 -5.09 -9.28
C TRP B 188 13.17 -6.09 -9.49
N VAL B 189 12.99 -7.27 -8.92
CA VAL B 189 13.92 -8.37 -9.06
C VAL B 189 13.09 -9.43 -9.78
N ILE B 190 13.51 -9.78 -10.99
CA ILE B 190 12.78 -10.75 -11.81
C ILE B 190 13.65 -11.91 -12.21
N GLY B 191 13.11 -12.74 -13.09
CA GLY B 191 13.85 -13.89 -13.57
C GLY B 191 13.68 -15.14 -12.73
N GLU B 192 14.75 -15.90 -12.63
CA GLU B 192 14.76 -17.14 -11.87
C GLU B 192 14.94 -16.78 -10.40
N HIS B 193 14.17 -17.43 -9.54
CA HIS B 193 14.24 -17.18 -8.11
C HIS B 193 15.55 -17.73 -7.58
N GLY B 194 16.38 -16.87 -7.00
CA GLY B 194 17.66 -17.32 -6.49
C GLY B 194 18.84 -16.47 -6.91
N ASP B 195 20.02 -17.07 -6.89
CA ASP B 195 21.27 -16.40 -7.25
C ASP B 195 21.31 -15.81 -8.65
N SER B 196 20.51 -16.35 -9.57
CA SER B 196 20.48 -15.87 -10.95
C SER B 196 19.45 -14.79 -11.23
N SER B 197 18.69 -14.39 -10.20
CA SER B 197 17.66 -13.36 -10.37
C SER B 197 18.20 -12.06 -10.94
N VAL B 198 17.34 -11.31 -11.61
CA VAL B 198 17.74 -10.06 -12.25
C VAL B 198 17.18 -8.76 -11.65
N PRO B 199 18.08 -7.89 -11.19
CA PRO B 199 17.63 -6.62 -10.61
C PRO B 199 17.54 -5.64 -11.78
N VAL B 200 16.34 -5.14 -12.06
CA VAL B 200 16.16 -4.21 -13.17
C VAL B 200 16.47 -2.77 -12.74
N TRP B 201 17.75 -2.41 -12.83
CA TRP B 201 18.22 -1.08 -12.42
C TRP B 201 17.48 0.12 -13.00
N SER B 202 16.96 0.01 -14.22
CA SER B 202 16.26 1.13 -14.84
C SER B 202 14.93 1.48 -14.16
N GLY B 203 14.41 0.59 -13.33
CA GLY B 203 13.16 0.85 -12.67
C GLY B 203 13.26 1.27 -11.22
N VAL B 204 14.47 1.31 -10.69
CA VAL B 204 14.66 1.72 -9.30
C VAL B 204 14.41 3.21 -9.21
N ASN B 205 13.43 3.58 -8.40
CA ASN B 205 13.07 4.99 -8.24
C ASN B 205 12.36 5.29 -6.94
N VAL B 206 12.25 6.59 -6.64
CA VAL B 206 11.57 7.09 -5.47
C VAL B 206 10.75 8.23 -6.04
N ALA B 207 9.43 8.17 -5.89
CA ALA B 207 8.55 9.22 -6.41
C ALA B 207 8.70 9.44 -7.91
N GLY B 208 9.02 8.37 -8.64
CA GLY B 208 9.19 8.47 -10.09
C GLY B 208 10.54 8.95 -10.57
N VAL B 209 11.47 9.18 -9.66
CA VAL B 209 12.81 9.64 -10.01
C VAL B 209 13.71 8.41 -10.02
N PHE B 210 14.24 8.04 -11.19
CA PHE B 210 15.09 6.86 -11.20
C PHE B 210 16.51 7.14 -10.80
N LEU B 211 17.03 6.29 -9.93
CA LEU B 211 18.37 6.43 -9.40
C LEU B 211 19.44 6.18 -10.45
N GLN B 212 19.11 5.38 -11.46
CA GLN B 212 20.08 5.10 -12.52
C GLN B 212 20.36 6.42 -13.23
N GLY B 213 19.32 7.23 -13.38
CA GLY B 213 19.48 8.51 -14.04
C GLY B 213 20.46 9.38 -13.28
N LEU B 214 20.42 9.30 -11.96
CA LEU B 214 21.31 10.10 -11.12
C LEU B 214 22.68 9.44 -10.97
N ASN B 215 22.77 8.17 -11.37
CA ASN B 215 24.02 7.42 -11.30
C ASN B 215 24.01 6.34 -12.39
N PRO B 216 24.19 6.77 -13.66
CA PRO B 216 24.20 5.85 -14.81
C PRO B 216 25.00 4.55 -14.67
N ASP B 217 25.99 4.55 -13.76
CA ASP B 217 26.83 3.38 -13.52
C ASP B 217 26.25 2.40 -12.50
N MET B 218 25.13 2.80 -11.90
CA MET B 218 24.45 1.99 -10.89
C MET B 218 24.36 0.51 -11.27
N GLY B 219 24.88 -0.36 -10.41
CA GLY B 219 24.82 -1.79 -10.65
C GLY B 219 26.03 -2.41 -11.34
N THR B 220 26.98 -1.58 -11.76
CA THR B 220 28.18 -2.08 -12.43
C THR B 220 29.40 -1.92 -11.54
N ASP B 221 30.56 -2.37 -12.03
CA ASP B 221 31.82 -2.28 -11.29
C ASP B 221 32.20 -0.82 -11.13
N LYS B 222 31.79 0.00 -12.10
CA LYS B 222 32.09 1.44 -12.08
C LYS B 222 31.26 2.21 -11.05
N ASP B 223 30.35 1.52 -10.38
CA ASP B 223 29.48 2.16 -9.38
C ASP B 223 30.31 2.65 -8.21
N LYS B 224 30.05 3.88 -7.77
CA LYS B 224 30.80 4.43 -6.64
C LYS B 224 30.04 4.14 -5.35
N GLU B 225 28.89 3.48 -5.48
CA GLU B 225 28.05 3.16 -4.33
C GLU B 225 27.78 1.67 -4.21
N ASP B 226 28.20 0.93 -5.22
CA ASP B 226 28.04 -0.52 -5.22
C ASP B 226 26.62 -1.00 -4.91
N TRP B 227 25.69 -0.68 -5.78
CA TRP B 227 24.30 -1.09 -5.61
C TRP B 227 24.18 -2.60 -5.84
N LYS B 228 25.07 -3.13 -6.65
CA LYS B 228 25.10 -4.55 -6.96
C LYS B 228 25.14 -5.39 -5.68
N SER B 229 25.71 -4.83 -4.61
CA SER B 229 25.81 -5.56 -3.35
C SER B 229 24.46 -5.65 -2.64
N VAL B 230 23.55 -4.74 -2.96
CA VAL B 230 22.22 -4.74 -2.36
C VAL B 230 21.50 -5.97 -2.91
N HIS B 231 21.61 -6.19 -4.22
CA HIS B 231 20.97 -7.36 -4.81
C HIS B 231 21.68 -8.61 -4.33
N LYS B 232 22.96 -8.48 -4.03
CA LYS B 232 23.71 -9.64 -3.56
C LYS B 232 23.17 -10.05 -2.19
N MET B 233 22.83 -9.06 -1.36
CA MET B 233 22.28 -9.35 -0.04
C MET B 233 20.88 -9.95 -0.13
N VAL B 234 20.14 -9.58 -1.17
CA VAL B 234 18.80 -10.13 -1.36
C VAL B 234 18.90 -11.62 -1.67
N VAL B 235 19.81 -12.01 -2.55
CA VAL B 235 19.94 -13.42 -2.88
C VAL B 235 20.55 -14.22 -1.72
N ASP B 236 21.38 -13.58 -0.89
CA ASP B 236 21.98 -14.30 0.25
C ASP B 236 21.18 -14.20 1.56
N SER B 237 20.03 -13.55 1.54
CA SER B 237 19.20 -13.39 2.73
C SER B 237 18.75 -14.69 3.40
N ALA B 238 18.11 -15.58 2.65
CA ALA B 238 17.63 -16.84 3.22
C ALA B 238 18.76 -17.57 3.91
N TYR B 239 19.90 -17.68 3.22
CA TYR B 239 21.08 -18.34 3.76
C TYR B 239 21.54 -17.70 5.07
N GLU B 240 21.65 -16.37 5.10
CA GLU B 240 22.09 -15.68 6.31
C GLU B 240 21.14 -15.96 7.48
N VAL B 241 19.84 -15.91 7.23
CA VAL B 241 18.86 -16.17 8.27
C VAL B 241 18.99 -17.59 8.81
N ILE B 242 19.13 -18.55 7.90
CA ILE B 242 19.28 -19.96 8.27
C ILE B 242 20.58 -20.20 9.06
N LYS B 243 21.63 -19.44 8.76
CA LYS B 243 22.90 -19.58 9.47
C LYS B 243 22.73 -19.07 10.90
N LEU B 244 21.78 -18.16 11.06
CA LEU B 244 21.52 -17.57 12.36
C LEU B 244 20.50 -18.35 13.19
N LYS B 245 19.43 -18.84 12.57
CA LYS B 245 18.43 -19.57 13.34
C LYS B 245 17.96 -20.93 12.84
N GLY B 246 18.58 -21.45 11.79
CA GLY B 246 18.21 -22.77 11.31
C GLY B 246 17.11 -22.90 10.26
N TYR B 247 16.23 -21.91 10.19
CA TYR B 247 15.15 -21.94 9.22
C TYR B 247 14.77 -20.51 8.87
N THR B 248 13.91 -20.35 7.87
CA THR B 248 13.44 -19.05 7.41
C THR B 248 11.92 -19.17 7.21
N SER B 249 11.14 -18.21 7.69
CA SER B 249 9.69 -18.34 7.56
C SER B 249 8.79 -17.10 7.59
N TRP B 250 9.03 -16.19 8.53
CA TRP B 250 8.18 -15.01 8.67
C TRP B 250 8.01 -14.13 7.43
N ALA B 251 9.11 -13.78 6.77
CA ALA B 251 9.04 -12.95 5.57
C ALA B 251 8.24 -13.66 4.46
N ILE B 252 8.51 -14.94 4.25
CA ILE B 252 7.81 -15.71 3.25
C ILE B 252 6.30 -15.74 3.53
N GLY B 253 5.95 -15.89 4.81
CA GLY B 253 4.54 -15.93 5.19
C GLY B 253 3.80 -14.63 4.89
N MET B 254 4.44 -13.50 5.14
CA MET B 254 3.82 -12.21 4.86
C MET B 254 3.68 -12.01 3.36
N SER B 255 4.68 -12.47 2.61
CA SER B 255 4.66 -12.36 1.16
C SER B 255 3.51 -13.19 0.58
N ALA B 256 3.36 -14.44 1.03
CA ALA B 256 2.27 -15.30 0.55
C ALA B 256 0.90 -14.68 0.87
N ALA B 257 0.73 -14.18 2.09
CA ALA B 257 -0.52 -13.56 2.50
C ALA B 257 -0.80 -12.35 1.60
N ASP B 258 0.26 -11.60 1.28
CA ASP B 258 0.15 -10.43 0.43
C ASP B 258 -0.40 -10.83 -0.94
N LEU B 259 0.10 -11.95 -1.47
CA LEU B 259 -0.34 -12.47 -2.76
C LEU B 259 -1.79 -12.96 -2.70
N CYS B 260 -2.16 -13.58 -1.58
CA CYS B 260 -3.50 -14.10 -1.40
C CYS B 260 -4.51 -12.96 -1.27
N GLN B 261 -4.06 -11.83 -0.71
CA GLN B 261 -4.97 -10.71 -0.55
C GLN B 261 -5.41 -10.20 -1.91
N SER B 262 -4.45 -10.05 -2.82
CA SER B 262 -4.73 -9.57 -4.17
C SER B 262 -5.62 -10.53 -4.93
N ILE B 263 -5.41 -11.83 -4.70
CA ILE B 263 -6.20 -12.84 -5.37
C ILE B 263 -7.64 -12.85 -4.82
N LEU B 264 -7.77 -13.10 -3.52
CA LEU B 264 -9.07 -13.18 -2.86
C LEU B 264 -9.96 -11.94 -3.02
N LYS B 265 -9.37 -10.75 -2.93
CA LYS B 265 -10.12 -9.50 -3.05
C LYS B 265 -10.18 -8.94 -4.48
N ASN B 266 -9.70 -9.72 -5.45
CA ASN B 266 -9.72 -9.31 -6.85
C ASN B 266 -9.14 -7.91 -7.06
N LEU B 267 -8.06 -7.61 -6.35
CA LEU B 267 -7.43 -6.29 -6.45
C LEU B 267 -6.84 -5.91 -7.79
N ARG B 268 -6.38 -6.89 -8.56
CA ARG B 268 -5.82 -6.58 -9.87
C ARG B 268 -4.51 -5.81 -9.62
N LYS B 269 -3.74 -6.24 -8.62
CA LYS B 269 -2.47 -5.61 -8.29
C LYS B 269 -1.30 -6.30 -8.96
N CYS B 270 -0.25 -5.53 -9.19
CA CYS B 270 0.96 -6.00 -9.85
C CYS B 270 1.97 -6.59 -8.86
N HIS B 271 2.31 -7.86 -9.07
CA HIS B 271 3.27 -8.57 -8.24
C HIS B 271 4.26 -9.31 -9.09
N PRO B 272 5.52 -9.39 -8.66
CA PRO B 272 6.47 -10.13 -9.49
C PRO B 272 6.29 -11.60 -9.07
N VAL B 273 5.64 -12.39 -9.92
CA VAL B 273 5.42 -13.80 -9.62
C VAL B 273 5.83 -14.70 -10.77
N SER B 274 6.02 -15.98 -10.47
CA SER B 274 6.43 -16.94 -11.47
C SER B 274 5.24 -17.40 -12.32
N THR B 275 5.42 -17.31 -13.64
CA THR B 275 4.37 -17.69 -14.59
C THR B 275 5.02 -18.12 -15.90
N LEU B 276 4.22 -18.63 -16.82
CA LEU B 276 4.71 -19.07 -18.12
C LEU B 276 5.25 -17.89 -18.93
N VAL B 277 6.54 -17.89 -19.19
CA VAL B 277 7.16 -16.81 -19.95
C VAL B 277 7.55 -17.19 -21.38
N LYS B 278 7.10 -18.36 -21.83
CA LYS B 278 7.39 -18.79 -23.19
C LYS B 278 6.92 -17.69 -24.15
N GLY B 279 7.78 -17.28 -25.07
CA GLY B 279 7.41 -16.25 -26.02
C GLY B 279 7.78 -14.84 -25.59
N MET B 280 8.31 -14.70 -24.38
CA MET B 280 8.70 -13.40 -23.86
C MET B 280 10.20 -13.26 -23.76
N HIS B 281 10.69 -12.07 -24.10
CA HIS B 281 12.12 -11.77 -24.00
C HIS B 281 13.02 -12.83 -24.60
N GLY B 282 12.70 -13.30 -25.80
CA GLY B 282 13.52 -14.30 -26.46
C GLY B 282 13.43 -15.72 -25.91
N VAL B 283 12.62 -15.91 -24.87
CA VAL B 283 12.43 -17.25 -24.28
C VAL B 283 11.44 -18.02 -25.15
N ASN B 284 11.86 -19.18 -25.64
CA ASN B 284 10.99 -20.00 -26.46
C ASN B 284 10.70 -21.37 -25.85
N GLU B 285 11.26 -21.64 -24.68
CA GLU B 285 11.00 -22.91 -24.00
C GLU B 285 9.81 -22.74 -23.06
N GLU B 286 9.19 -23.86 -22.71
CA GLU B 286 8.03 -23.86 -21.82
C GLU B 286 8.47 -23.84 -20.34
N VAL B 287 8.94 -22.68 -19.89
CA VAL B 287 9.40 -22.51 -18.53
C VAL B 287 8.68 -21.38 -17.78
N PHE B 288 8.75 -21.43 -16.46
CA PHE B 288 8.15 -20.41 -15.63
C PHE B 288 9.27 -19.57 -15.03
N LEU B 289 9.09 -18.26 -15.07
CA LEU B 289 10.05 -17.31 -14.52
C LEU B 289 9.24 -16.13 -13.97
N SER B 290 9.83 -15.37 -13.05
CA SER B 290 9.13 -14.23 -12.47
C SER B 290 9.21 -12.96 -13.31
N VAL B 291 8.03 -12.39 -13.53
CA VAL B 291 7.86 -11.14 -14.28
C VAL B 291 6.66 -10.49 -13.62
N PRO B 292 6.56 -9.15 -13.70
CA PRO B 292 5.41 -8.48 -13.07
C PRO B 292 4.08 -8.91 -13.69
N CYS B 293 3.16 -9.37 -12.84
CA CYS B 293 1.84 -9.81 -13.29
C CYS B 293 0.69 -9.15 -12.52
N ILE B 294 -0.50 -9.18 -13.11
CA ILE B 294 -1.68 -8.61 -12.46
C ILE B 294 -2.50 -9.76 -11.85
N LEU B 295 -2.67 -9.73 -10.52
CA LEU B 295 -3.42 -10.76 -9.81
C LEU B 295 -4.80 -10.32 -9.34
N GLY B 296 -5.77 -11.23 -9.48
CA GLY B 296 -7.14 -10.97 -9.07
C GLY B 296 -7.83 -12.30 -8.78
N ASN B 297 -9.16 -12.30 -8.71
CA ASN B 297 -9.87 -13.55 -8.39
C ASN B 297 -9.99 -14.53 -9.56
N SER B 298 -9.50 -14.14 -10.73
CA SER B 298 -9.51 -15.02 -11.88
C SER B 298 -8.08 -15.56 -12.01
N GLY B 299 -7.22 -15.13 -11.10
CA GLY B 299 -5.84 -15.58 -11.11
C GLY B 299 -4.87 -14.57 -11.73
N LEU B 300 -3.89 -15.10 -12.45
CA LEU B 300 -2.90 -14.27 -13.11
C LEU B 300 -3.48 -14.00 -14.49
N THR B 301 -4.21 -12.89 -14.60
CA THR B 301 -4.88 -12.52 -15.83
C THR B 301 -4.11 -11.63 -16.80
N ASP B 302 -3.00 -11.05 -16.35
CA ASP B 302 -2.23 -10.16 -17.22
C ASP B 302 -0.76 -10.16 -16.89
N VAL B 303 0.05 -9.99 -17.92
CA VAL B 303 1.49 -9.97 -17.74
C VAL B 303 2.08 -8.67 -18.26
N VAL B 304 2.92 -8.04 -17.45
CA VAL B 304 3.55 -6.79 -17.88
C VAL B 304 4.80 -7.13 -18.67
N HIS B 305 4.96 -6.50 -19.82
CA HIS B 305 6.13 -6.70 -20.66
C HIS B 305 7.10 -5.58 -20.34
N MET B 306 8.17 -5.91 -19.64
CA MET B 306 9.16 -4.91 -19.26
C MET B 306 10.11 -4.49 -20.38
N THR B 307 10.58 -3.26 -20.32
CA THR B 307 11.53 -2.77 -21.29
C THR B 307 12.86 -3.18 -20.70
N LEU B 308 13.46 -4.23 -21.27
CA LEU B 308 14.72 -4.73 -20.74
C LEU B 308 15.89 -4.58 -21.70
N LYS B 309 17.07 -4.44 -21.12
CA LYS B 309 18.30 -4.31 -21.89
C LYS B 309 18.79 -5.66 -22.38
N SER B 310 19.52 -5.64 -23.49
CA SER B 310 20.03 -6.87 -24.08
C SER B 310 20.65 -7.80 -23.03
N ASP B 311 21.42 -7.21 -22.12
CA ASP B 311 22.11 -7.96 -21.06
C ASP B 311 21.13 -8.60 -20.09
N GLU B 312 19.98 -7.96 -19.92
CA GLU B 312 18.96 -8.46 -19.02
C GLU B 312 18.18 -9.60 -19.69
N GLU B 313 17.74 -9.40 -20.93
CA GLU B 313 16.99 -10.43 -21.64
C GLU B 313 17.84 -11.69 -21.75
N LYS B 314 19.15 -11.50 -21.82
CA LYS B 314 20.09 -12.61 -21.94
C LYS B 314 20.12 -13.48 -20.69
N GLN B 315 20.15 -12.84 -19.53
CA GLN B 315 20.16 -13.59 -18.29
C GLN B 315 18.91 -14.44 -18.18
N LEU B 316 17.79 -13.91 -18.66
CA LEU B 316 16.52 -14.62 -18.64
C LEU B 316 16.56 -15.83 -19.58
N VAL B 317 17.09 -15.62 -20.78
CA VAL B 317 17.20 -16.71 -21.75
C VAL B 317 18.06 -17.83 -21.19
N LYS B 318 19.13 -17.45 -20.49
CA LYS B 318 20.03 -18.42 -19.88
C LYS B 318 19.38 -19.23 -18.76
N SER B 319 18.61 -18.55 -17.91
CA SER B 319 17.94 -19.23 -16.81
C SER B 319 16.93 -20.21 -17.40
N ALA B 320 16.19 -19.76 -18.41
CA ALA B 320 15.19 -20.60 -19.05
C ALA B 320 15.81 -21.88 -19.62
N GLU B 321 17.03 -21.78 -20.16
CA GLU B 321 17.70 -22.96 -20.72
C GLU B 321 18.07 -23.94 -19.60
N THR B 322 18.45 -23.41 -18.45
CA THR B 322 18.82 -24.24 -17.31
C THR B 322 17.60 -24.98 -16.76
N LEU B 323 16.49 -24.28 -16.62
CA LEU B 323 15.28 -24.89 -16.12
C LEU B 323 14.81 -25.96 -17.08
N TRP B 324 14.76 -25.63 -18.37
CA TRP B 324 14.31 -26.58 -19.36
C TRP B 324 15.24 -27.80 -19.38
N GLY B 325 16.52 -27.56 -19.07
CA GLY B 325 17.48 -28.64 -19.04
C GLY B 325 17.05 -29.71 -18.07
N VAL B 326 16.48 -29.29 -16.93
CA VAL B 326 16.00 -30.24 -15.93
C VAL B 326 14.65 -30.77 -16.34
N GLN B 327 13.75 -29.86 -16.74
CA GLN B 327 12.39 -30.22 -17.12
C GLN B 327 12.26 -31.28 -18.22
N LYS B 328 13.12 -31.25 -19.22
CA LYS B 328 13.00 -32.25 -20.29
C LYS B 328 13.37 -33.67 -19.83
N ASP B 329 14.01 -33.80 -18.67
CA ASP B 329 14.42 -35.10 -18.14
C ASP B 329 13.43 -35.67 -17.11
N LEU B 330 12.43 -34.88 -16.75
CA LEU B 330 11.43 -35.29 -15.76
C LEU B 330 10.38 -36.25 -16.31
N THR B 331 9.83 -37.09 -15.44
CA THR B 331 8.77 -38.02 -15.81
C THR B 331 7.56 -37.52 -15.04
N LEU B 332 6.62 -36.90 -15.74
CA LEU B 332 5.43 -36.37 -15.09
C LEU B 332 4.27 -37.36 -15.11
C1 GLC C . -11.44 17.50 26.92
C2 GLC C . -10.15 17.08 26.11
C3 GLC C . -8.92 17.42 27.02
C4 GLC C . -8.94 18.96 27.20
C5 GLC C . -10.24 19.40 27.94
C6 GLC C . -10.39 20.88 28.15
O2 GLC C . -10.21 15.70 25.89
O3 GLC C . -7.75 17.07 26.36
O4 GLC C . -7.89 19.39 28.00
O5 GLC C . -11.42 18.96 27.21
O6 GLC C . -11.61 21.14 28.79
C1 GLC C . -12.48 16.89 29.08
C2 GLC C . -12.68 16.58 30.58
C3 GLC C . -12.62 14.98 30.71
C4 GLC C . -13.89 14.47 29.97
C5 GLC C . -13.79 14.87 28.42
C6 GLC C . -15.02 14.43 27.64
O1 GLC C . -11.45 16.73 28.08
O2 GLC C . -11.57 17.10 31.24
O3 GLC C . -12.76 14.61 32.03
O4 GLC C . -13.97 13.03 30.04
O5 GLC C . -13.66 16.33 28.36
O6 GLC C . -16.12 15.25 28.01
C1 GLC D . -15.69 25.47 6.47
C2 GLC D . -16.17 24.21 7.27
C3 GLC D . -17.31 24.69 8.22
C4 GLC D . -16.63 25.68 9.20
C5 GLC D . -16.08 26.91 8.41
C6 GLC D . -15.38 27.93 9.26
O2 GLC D . -16.68 23.31 6.36
O3 GLC D . -17.79 23.60 8.95
O4 GLC D . -17.54 26.20 10.12
O5 GLC D . -15.14 26.50 7.39
O6 GLC D . -14.95 28.96 8.40
C1 GLC D . -16.87 27.06 4.93
C2 GLC D . -17.95 27.95 4.28
C3 GLC D . -18.72 26.97 3.28
C4 GLC D . -17.69 26.59 2.19
C5 GLC D . -16.49 25.79 2.86
C6 GLC D . -15.43 25.42 1.81
O1 GLC D . -16.83 25.91 5.79
O2 GLC D . -18.82 28.33 5.28
O3 GLC D . -19.74 27.66 2.64
O4 GLC D . -18.27 25.73 1.23
O5 GLC D . -15.91 26.65 3.87
O6 GLC D . -15.01 26.61 1.12
C1 GLC E . -14.81 -30.31 6.46
C2 GLC E . -14.53 -29.18 5.41
C3 GLC E . -15.63 -29.26 4.32
C4 GLC E . -15.48 -30.66 3.65
C5 GLC E . -15.74 -31.79 4.71
C6 GLC E . -15.63 -33.20 4.19
O2 GLC E . -14.58 -27.95 6.05
O3 GLC E . -15.39 -28.26 3.36
O4 GLC E . -16.43 -30.85 2.66
O5 GLC E . -14.80 -31.67 5.82
O6 GLC E . -15.89 -34.09 5.27
C1 GLC E . -16.64 -30.86 8.06
C2 GLC E . -18.02 -31.22 8.63
C3 GLC E . -18.60 -29.84 9.20
C4 GLC E . -17.69 -29.46 10.39
C5 GLC E . -16.21 -29.21 9.84
C6 GLC E . -15.27 -28.85 10.98
O1 GLC E . -16.06 -30.02 7.04
O2 GLC E . -18.80 -31.60 7.55
O3 GLC E . -19.87 -30.05 9.72
O4 GLC E . -18.13 -28.24 10.98
O5 GLC E . -15.77 -30.45 9.20
O6 GLC E . -14.57 -30.02 11.41
C1 GLC F . 7.45 -29.60 4.25
C2 GLC F . 6.58 -29.29 5.48
C3 GLC F . 6.35 -30.61 6.28
C4 GLC F . 5.54 -31.54 5.33
C5 GLC F . 6.41 -31.85 4.06
C6 GLC F . 5.75 -32.73 3.04
O2 GLC F . 7.29 -28.37 6.25
O3 GLC F . 5.59 -30.33 7.41
O4 GLC F . 5.27 -32.76 5.93
O5 GLC F . 6.79 -30.63 3.38
O6 GLC F . 6.64 -32.92 1.95
C1 GLC F . 9.76 -30.40 3.93
C2 GLC F . 11.01 -31.27 4.05
C3 GLC F . 11.82 -30.64 5.26
C4 GLC F . 12.27 -29.23 4.80
C5 GLC F . 10.99 -28.34 4.50
C6 GLC F . 11.39 -26.95 4.01
O1 GLC F . 8.66 -30.03 4.76
O2 GLC F . 10.59 -32.53 4.45
O3 GLC F . 13.00 -31.37 5.50
O4 GLC F . 13.03 -28.59 5.82
O5 GLC F . 10.20 -29.04 3.49
O6 GLC F . 11.70 -26.98 2.63
#